data_3TYV
#
_entry.id   3TYV
#
_cell.length_a   90.650
_cell.length_b   106.720
_cell.length_c   133.940
_cell.angle_alpha   90.00
_cell.angle_beta   90.00
_cell.angle_gamma   90.00
#
_symmetry.space_group_name_H-M   'P 21 21 21'
#
loop_
_entity.id
_entity.type
_entity.pdbx_description
1 polymer 'RNA-directed RNA polymerase'
2 non-polymer 'PHOSPHATE ION'
3 non-polymer N-(cyclopropylsulfonyl)-1-(2,5-difluorobenzyl)-6-fluoro-5-methyl-3-(2-oxo-1,2-dihydropyridin-3-yl)-1H-indole-2-carboxamide
4 water water
#
_entity_poly.entity_id   1
_entity_poly.type   'polypeptide(L)'
_entity_poly.pdbx_seq_one_letter_code
;SMSYTWTGALITPCAAEESKLPINPLSNSLLRHHNMVYATTSRSASLRQKKVTFDRLQVLDDHYRDVLKEMKAKASTVKA
KLLSIEEACKLTPPHSAKSKFGYGAKDVRNLSSRAVNHIRSVWEDLLEDTETPIDTTIMAKSEVFCVQPEKGGRKPARLI
VFPDLGVRVCEKMALYDVVSTLPQAVMGSSYGFQYSPKQRVEFLVNTWKSKKCPMGFSYDTRCFDSTVTESDIRVEESIY
QCCDLAPEARQAIRSLTERLYIGGPLTNSKGQNCGYRRCRASGVLTTSCGNTLTCYLKATAACRAAKLQDCTMLVNGDDL
VVICESAGTQEDAAALRAFTEAMTRYSAPPGDPPQPEYDLELITSCSSNVSVAHDASGKRVYYLTRDPTTPLARAAWETA
RHTPINSWLGNIIMYAPTLWARMILMTHFFSILLAQEQLGKALDCQIYGACYSIEPLDLPQIIERLHGLSAFTLHSYSPG
EINRVASCLRKLGVPPLRTWRHRARSVRAKLLSQGGRAAICGRYLFNWAVRTKLKLTPIPAASQLDLSGWFVAGYSGGDI
YHSLSRARPRENLYFQ
;
_entity_poly.pdbx_strand_id   A,B
#
loop_
_chem_comp.id
_chem_comp.type
_chem_comp.name
_chem_comp.formula
HI3 non-polymer N-(cyclopropylsulfonyl)-1-(2,5-difluorobenzyl)-6-fluoro-5-methyl-3-(2-oxo-1,2-dihydropyridin-3-yl)-1H-indole-2-carboxamide 'C25 H20 F3 N3 O4 S'
PO4 non-polymer 'PHOSPHATE ION' 'O4 P -3'
#
# COMPACT_ATOMS: atom_id res chain seq x y z
N SER A 1 -6.68 21.10 15.40
CA SER A 1 -5.83 21.05 16.59
C SER A 1 -4.73 22.09 16.44
N MET A 2 -4.14 22.51 17.56
CA MET A 2 -3.06 23.49 17.53
C MET A 2 -1.81 22.87 16.97
N SER A 3 -1.13 23.58 16.07
CA SER A 3 0.14 23.09 15.54
C SER A 3 1.17 22.85 16.68
N TYR A 4 1.15 23.72 17.71
CA TYR A 4 2.05 23.59 18.85
C TYR A 4 1.34 24.04 20.09
N THR A 5 1.73 23.47 21.23
CA THR A 5 1.36 23.96 22.54
C THR A 5 2.69 24.21 23.24
N TRP A 6 2.74 25.21 24.11
CA TRP A 6 3.98 25.54 24.79
C TRP A 6 3.78 25.52 26.29
N THR A 7 4.81 25.12 27.01
CA THR A 7 4.81 25.11 28.50
C THR A 7 5.26 26.45 29.09
N GLY A 8 6.05 27.20 28.34
CA GLY A 8 6.63 28.44 28.82
C GLY A 8 8.14 28.38 28.93
N ALA A 9 8.75 27.16 28.95
CA ALA A 9 10.19 27.04 28.96
C ALA A 9 10.70 27.67 27.65
N LEU A 10 11.88 28.27 27.68
CA LEU A 10 12.36 28.95 26.48
C LEU A 10 13.04 28.03 25.51
N ILE A 11 13.13 28.47 24.24
CA ILE A 11 13.95 27.79 23.24
C ILE A 11 15.34 28.37 23.51
N THR A 12 16.23 27.54 24.00
CA THR A 12 17.56 27.94 24.46
C THR A 12 18.69 27.63 23.47
N PRO A 13 19.81 28.41 23.52
CA PRO A 13 20.97 28.05 22.68
C PRO A 13 21.85 27.03 23.41
N CYS A 14 22.78 26.38 22.73
CA CYS A 14 23.66 25.44 23.43
C CYS A 14 25.06 26.03 23.68
N ALA A 15 25.35 27.16 23.01
CA ALA A 15 26.60 27.92 23.10
C ALA A 15 26.33 29.39 22.75
N ALA A 16 27.38 30.25 22.80
CA ALA A 16 27.29 31.68 22.48
C ALA A 16 26.76 31.86 21.06
N GLU A 17 25.90 32.87 20.85
CA GLU A 17 25.31 33.12 19.53
C GLU A 17 25.73 34.43 18.92
N GLU A 18 26.27 34.37 17.71
CA GLU A 18 26.73 35.54 16.97
C GLU A 18 25.62 36.08 16.06
N SER A 19 25.28 37.36 16.18
CA SER A 19 24.22 37.88 15.31
C SER A 19 24.74 38.91 14.30
N LYS A 20 25.91 39.49 14.56
CA LYS A 20 26.47 40.53 13.70
C LYS A 20 27.60 40.02 12.83
N LEU A 21 27.64 40.47 11.58
CA LEU A 21 28.76 40.07 10.72
C LEU A 21 30.05 40.67 11.32
N PRO A 22 31.11 39.87 11.55
CA PRO A 22 32.37 40.45 12.05
C PRO A 22 32.97 41.45 11.07
N ILE A 23 33.76 42.40 11.59
CA ILE A 23 34.48 43.38 10.75
C ILE A 23 35.83 42.71 10.50
N ASN A 24 35.95 42.07 9.34
CA ASN A 24 37.10 41.24 9.01
C ASN A 24 37.65 41.68 7.65
N PRO A 25 38.98 41.75 7.46
CA PRO A 25 39.50 42.26 6.16
C PRO A 25 39.08 41.46 4.92
N LEU A 26 39.05 40.13 5.03
CA LEU A 26 38.65 39.30 3.87
C LEU A 26 37.18 39.45 3.52
N SER A 27 36.29 39.44 4.55
CA SER A 27 34.88 39.66 4.22
C SER A 27 34.61 41.08 3.73
N ASN A 28 35.36 42.05 4.29
CA ASN A 28 35.21 43.46 3.92
C ASN A 28 35.64 43.73 2.47
N SER A 29 36.49 42.87 1.89
CA SER A 29 36.91 42.97 0.49
C SER A 29 35.75 42.61 -0.42
N LEU A 30 34.81 41.81 0.10
CA LEU A 30 33.64 41.41 -0.65
C LEU A 30 32.47 42.34 -0.41
N LEU A 31 32.20 42.68 0.86
CA LEU A 31 31.01 43.39 1.25
C LEU A 31 31.34 44.36 2.38
N ARG A 32 31.20 45.65 2.10
CA ARG A 32 31.57 46.71 3.07
C ARG A 32 30.45 47.12 4.05
N HIS A 33 29.17 46.99 3.68
CA HIS A 33 28.05 47.39 4.56
C HIS A 33 27.74 46.24 5.54
N HIS A 34 28.69 45.96 6.43
CA HIS A 34 28.61 44.83 7.39
C HIS A 34 27.39 44.91 8.31
N ASN A 35 26.93 46.14 8.65
CA ASN A 35 25.78 46.29 9.52
C ASN A 35 24.46 45.82 8.91
N MET A 36 24.42 45.59 7.59
CA MET A 36 23.22 45.12 6.92
C MET A 36 23.08 43.61 7.00
N VAL A 37 24.16 42.93 7.38
CA VAL A 37 24.19 41.46 7.42
C VAL A 37 24.05 40.97 8.85
N TYR A 38 23.10 40.04 9.05
CA TYR A 38 22.88 39.50 10.39
C TYR A 38 22.61 38.03 10.34
N ALA A 39 22.74 37.38 11.50
CA ALA A 39 22.39 35.96 11.66
C ALA A 39 21.27 35.88 12.69
N THR A 40 20.27 35.05 12.42
CA THR A 40 19.18 34.81 13.37
C THR A 40 19.73 34.05 14.58
N THR A 41 19.13 34.26 15.78
CA THR A 41 19.57 33.58 17.00
C THR A 41 18.31 33.18 17.79
N SER A 42 18.51 32.48 18.90
CA SER A 42 17.41 32.09 19.80
C SER A 42 16.71 33.32 20.40
N ARG A 43 17.36 34.50 20.36
CA ARG A 43 16.75 35.71 20.90
C ARG A 43 15.44 36.12 20.21
N SER A 44 15.22 35.69 18.94
CA SER A 44 13.98 36.00 18.24
C SER A 44 13.04 34.77 18.19
N ALA A 45 13.39 33.67 18.87
CA ALA A 45 12.57 32.44 18.81
C ALA A 45 11.12 32.65 19.20
N SER A 46 10.83 33.49 20.25
CA SER A 46 9.43 33.73 20.66
C SER A 46 8.60 34.37 19.56
N LEU A 47 9.19 35.26 18.71
CA LEU A 47 8.47 35.81 17.57
C LEU A 47 8.08 34.71 16.60
N ARG A 48 9.02 33.77 16.31
CA ARG A 48 8.72 32.66 15.41
C ARG A 48 7.67 31.75 16.04
N GLN A 49 7.78 31.47 17.34
CA GLN A 49 6.77 30.62 18.01
C GLN A 49 5.35 31.16 17.82
N LYS A 50 5.18 32.49 17.96
CA LYS A 50 3.87 33.10 17.74
C LYS A 50 3.37 32.83 16.32
N LYS A 51 4.24 33.05 15.31
CA LYS A 51 3.84 32.88 13.92
C LYS A 51 3.46 31.42 13.56
N VAL A 52 4.19 30.44 14.11
CA VAL A 52 3.97 29.03 13.72
C VAL A 52 2.88 28.32 14.52
N THR A 53 2.32 29.00 15.53
CA THR A 53 1.31 28.36 16.41
C THR A 53 -0.08 28.82 16.04
N PHE A 54 -0.91 27.91 15.55
CA PHE A 54 -2.28 28.25 15.16
C PHE A 54 -3.12 27.00 15.04
N ASP A 55 -4.44 27.17 15.07
CA ASP A 55 -5.33 26.03 14.94
C ASP A 55 -5.50 25.69 13.48
N ARG A 56 -5.53 24.39 13.14
CA ARG A 56 -5.77 24.03 11.76
C ARG A 56 -7.16 23.54 11.62
N LEU A 57 -7.80 23.97 10.55
CA LEU A 57 -9.11 23.52 10.14
C LEU A 57 -8.89 22.92 8.75
N GLN A 58 -9.21 21.64 8.62
CA GLN A 58 -9.01 20.97 7.35
C GLN A 58 -10.29 20.30 6.94
N VAL A 59 -10.70 20.54 5.70
CA VAL A 59 -11.90 19.95 5.11
C VAL A 59 -11.49 19.29 3.81
N LEU A 60 -11.64 17.97 3.73
CA LEU A 60 -11.29 17.19 2.53
C LEU A 60 -12.50 16.92 1.68
N ASP A 61 -12.32 16.79 0.37
CA ASP A 61 -13.43 16.58 -0.55
C ASP A 61 -13.13 15.49 -1.57
N ASP A 62 -14.06 15.26 -2.50
CA ASP A 62 -13.86 14.22 -3.49
C ASP A 62 -12.63 14.41 -4.38
N HIS A 63 -12.30 15.67 -4.77
CA HIS A 63 -11.13 15.91 -5.62
C HIS A 63 -9.88 15.41 -4.86
N TYR A 64 -9.80 15.69 -3.56
CA TYR A 64 -8.66 15.27 -2.74
C TYR A 64 -8.58 13.75 -2.68
N ARG A 65 -9.72 13.09 -2.39
CA ARG A 65 -9.75 11.62 -2.34
C ARG A 65 -9.38 10.96 -3.68
N ASP A 66 -9.82 11.54 -4.81
CA ASP A 66 -9.55 11.03 -6.16
C ASP A 66 -8.06 11.11 -6.46
N VAL A 67 -7.46 12.28 -6.18
CA VAL A 67 -6.03 12.45 -6.44
C VAL A 67 -5.23 11.50 -5.55
N LEU A 68 -5.60 11.37 -4.27
CA LEU A 68 -4.88 10.48 -3.38
C LEU A 68 -4.89 9.05 -3.92
N LYS A 69 -6.07 8.55 -4.36
CA LYS A 69 -6.13 7.20 -4.92
C LYS A 69 -5.20 7.07 -6.17
N GLU A 70 -5.12 8.12 -7.01
CA GLU A 70 -4.24 8.08 -8.19
C GLU A 70 -2.79 7.98 -7.76
N MET A 71 -2.43 8.71 -6.71
CA MET A 71 -1.05 8.74 -6.18
C MET A 71 -0.71 7.38 -5.60
N LYS A 72 -1.65 6.79 -4.85
CA LYS A 72 -1.42 5.47 -4.22
C LYS A 72 -1.26 4.38 -5.30
N ALA A 73 -2.02 4.47 -6.42
CA ALA A 73 -1.88 3.49 -7.50
C ALA A 73 -0.45 3.54 -8.08
N LYS A 74 0.14 4.75 -8.14
CA LYS A 74 1.52 4.86 -8.62
C LYS A 74 2.53 4.39 -7.57
N ALA A 75 2.30 4.72 -6.28
CA ALA A 75 3.18 4.27 -5.20
C ALA A 75 3.23 2.74 -5.14
N SER A 76 2.12 2.09 -5.54
N SER A 76 2.13 2.07 -5.51
CA SER A 76 1.98 0.62 -5.53
CA SER A 76 2.05 0.60 -5.44
C SER A 76 3.00 -0.11 -6.43
C SER A 76 3.04 -0.11 -6.39
N THR A 77 3.71 0.63 -7.32
CA THR A 77 4.73 0.05 -8.21
C THR A 77 6.07 -0.02 -7.56
N VAL A 78 6.23 0.62 -6.40
CA VAL A 78 7.54 0.74 -5.76
C VAL A 78 7.90 -0.45 -4.92
N LYS A 79 9.19 -0.86 -4.96
CA LYS A 79 9.75 -1.86 -4.06
C LYS A 79 10.93 -1.19 -3.37
N ALA A 80 10.83 -1.07 -2.05
CA ALA A 80 11.84 -0.36 -1.27
C ALA A 80 12.63 -1.32 -0.41
N LYS A 81 13.90 -1.03 -0.30
CA LYS A 81 14.86 -1.84 0.43
C LYS A 81 15.09 -1.28 1.82
N LEU A 82 15.34 -2.17 2.77
CA LEU A 82 15.71 -1.81 4.12
C LEU A 82 17.23 -1.64 4.05
N LEU A 83 17.77 -0.52 4.54
CA LEU A 83 19.22 -0.34 4.55
C LEU A 83 19.81 -1.10 5.74
N SER A 84 21.04 -1.62 5.59
CA SER A 84 21.72 -2.24 6.71
C SER A 84 22.19 -1.09 7.63
N ILE A 85 22.55 -1.43 8.88
CA ILE A 85 23.10 -0.44 9.84
C ILE A 85 24.30 0.25 9.19
N GLU A 86 25.24 -0.53 8.57
CA GLU A 86 26.43 0.04 7.92
C GLU A 86 26.08 1.08 6.85
N GLU A 87 25.08 0.75 5.99
CA GLU A 87 24.66 1.70 4.94
C GLU A 87 24.10 2.98 5.55
N ALA A 88 23.27 2.84 6.61
CA ALA A 88 22.68 4.00 7.24
C ALA A 88 23.72 4.83 7.98
N CYS A 89 24.72 4.17 8.61
CA CYS A 89 25.80 4.88 9.30
C CYS A 89 26.61 5.74 8.33
N LYS A 90 26.85 5.23 7.12
CA LYS A 90 27.66 5.93 6.10
C LYS A 90 26.93 7.15 5.56
N LEU A 91 25.59 7.16 5.69
CA LEU A 91 24.83 8.33 5.24
C LEU A 91 24.79 9.45 6.30
N THR A 92 25.38 9.24 7.48
CA THR A 92 25.35 10.23 8.55
C THR A 92 26.45 11.27 8.32
N PRO A 93 26.10 12.58 8.34
CA PRO A 93 27.14 13.62 8.19
C PRO A 93 28.15 13.55 9.33
N PRO A 94 29.45 13.73 9.03
CA PRO A 94 30.48 13.69 10.10
C PRO A 94 30.24 14.64 11.29
N HIS A 95 29.53 15.75 11.07
CA HIS A 95 29.25 16.75 12.09
C HIS A 95 27.78 16.78 12.55
N SER A 96 27.05 15.68 12.32
CA SER A 96 25.67 15.54 12.75
C SER A 96 25.64 15.66 14.27
N ALA A 97 24.55 16.20 14.80
CA ALA A 97 24.42 16.39 16.25
C ALA A 97 24.62 15.07 17.01
N LYS A 98 25.52 15.06 18.02
CA LYS A 98 25.79 13.85 18.81
C LYS A 98 24.54 13.32 19.53
N SER A 99 24.58 12.05 19.91
CA SER A 99 23.47 11.49 20.66
C SER A 99 23.52 11.95 22.11
N LYS A 100 22.39 11.91 22.82
CA LYS A 100 22.41 12.19 24.26
C LYS A 100 22.89 10.94 25.01
N PHE A 101 23.09 9.83 24.28
CA PHE A 101 23.45 8.54 24.88
C PHE A 101 24.91 8.13 24.78
N GLY A 102 25.80 9.12 24.81
CA GLY A 102 27.25 8.88 24.89
C GLY A 102 28.04 8.56 23.64
N TYR A 103 27.53 8.92 22.45
CA TYR A 103 28.30 8.68 21.22
C TYR A 103 27.90 9.80 20.23
N GLY A 104 28.74 10.01 19.23
CA GLY A 104 28.49 11.05 18.24
C GLY A 104 28.57 10.56 16.82
N ALA A 105 28.51 11.51 15.87
CA ALA A 105 28.52 11.16 14.45
C ALA A 105 29.80 10.44 14.00
N LYS A 106 30.97 10.81 14.56
CA LYS A 106 32.21 10.10 14.20
C LYS A 106 32.11 8.62 14.62
N ASP A 107 31.54 8.36 15.80
CA ASP A 107 31.34 6.99 16.32
C ASP A 107 30.38 6.21 15.42
N VAL A 108 29.30 6.85 14.96
CA VAL A 108 28.37 6.20 14.02
C VAL A 108 29.09 5.84 12.72
N ARG A 109 29.78 6.81 12.11
CA ARG A 109 30.49 6.59 10.86
C ARG A 109 31.56 5.50 10.97
N ASN A 110 32.20 5.40 12.15
CA ASN A 110 33.25 4.40 12.41
C ASN A 110 32.68 3.06 12.84
N LEU A 111 31.33 2.94 12.94
CA LEU A 111 30.67 1.71 13.39
C LEU A 111 31.19 1.27 14.77
N SER A 112 31.40 2.25 15.68
CA SER A 112 31.87 1.95 17.04
C SER A 112 30.86 1.05 17.76
N SER A 113 31.34 0.15 18.63
CA SER A 113 30.44 -0.75 19.34
C SER A 113 29.33 -0.02 20.08
N ARG A 114 29.65 1.11 20.77
CA ARG A 114 28.63 1.84 21.51
C ARG A 114 27.54 2.37 20.56
N ALA A 115 27.95 3.01 19.45
CA ALA A 115 27.00 3.55 18.48
C ALA A 115 26.11 2.42 17.90
N VAL A 116 26.72 1.34 17.42
CA VAL A 116 25.98 0.22 16.82
C VAL A 116 25.05 -0.41 17.83
N ASN A 117 25.53 -0.65 19.05
CA ASN A 117 24.66 -1.22 20.09
C ASN A 117 23.43 -0.37 20.34
N HIS A 118 23.64 0.94 20.46
CA HIS A 118 22.53 1.83 20.71
C HIS A 118 21.58 1.91 19.52
N ILE A 119 22.09 1.93 18.27
CA ILE A 119 21.23 1.98 17.08
C ILE A 119 20.38 0.71 17.02
N ARG A 120 21.00 -0.46 17.28
CA ARG A 120 20.26 -1.74 17.31
C ARG A 120 19.15 -1.71 18.32
N SER A 121 19.42 -1.16 19.54
CA SER A 121 18.45 -1.01 20.59
C SER A 121 17.28 -0.11 20.16
N VAL A 122 17.61 1.02 19.52
CA VAL A 122 16.54 1.94 19.04
C VAL A 122 15.67 1.24 17.98
N TRP A 123 16.30 0.47 17.07
CA TRP A 123 15.58 -0.22 16.01
C TRP A 123 14.61 -1.24 16.61
N GLU A 124 15.11 -2.06 17.53
CA GLU A 124 14.25 -3.04 18.20
C GLU A 124 13.09 -2.36 18.91
N ASP A 125 13.34 -1.20 19.55
CA ASP A 125 12.29 -0.45 20.23
C ASP A 125 11.21 0.04 19.23
N LEU A 126 11.61 0.43 18.03
CA LEU A 126 10.62 0.84 17.01
C LEU A 126 9.79 -0.37 16.61
N LEU A 127 10.41 -1.57 16.56
CA LEU A 127 9.67 -2.77 16.15
C LEU A 127 8.70 -3.21 17.23
N GLU A 128 9.03 -2.99 18.51
CA GLU A 128 8.24 -3.49 19.64
C GLU A 128 7.21 -2.53 20.16
N ASP A 129 7.52 -1.23 20.13
CA ASP A 129 6.69 -0.19 20.74
C ASP A 129 6.08 0.69 19.66
N THR A 130 4.75 0.65 19.56
CA THR A 130 4.05 1.39 18.50
C THR A 130 3.50 2.72 18.95
N GLU A 131 3.71 3.07 20.20
CA GLU A 131 3.03 4.24 20.70
C GLU A 131 3.76 5.29 21.51
N THR A 132 4.82 4.93 22.25
CA THR A 132 5.46 5.91 23.15
C THR A 132 5.97 7.10 22.32
N PRO A 133 5.51 8.34 22.57
CA PRO A 133 6.05 9.47 21.79
C PRO A 133 7.57 9.56 21.95
N ILE A 134 8.23 9.82 20.82
CA ILE A 134 9.68 9.94 20.77
C ILE A 134 10.08 11.38 21.05
N ASP A 135 11.07 11.56 21.92
CA ASP A 135 11.51 12.92 22.26
C ASP A 135 12.15 13.59 21.04
N THR A 136 11.99 14.92 20.98
CA THR A 136 12.66 15.74 19.97
C THR A 136 13.25 16.94 20.66
N THR A 137 14.31 17.48 20.09
CA THR A 137 14.92 18.72 20.54
C THR A 137 14.43 19.80 19.62
N ILE A 138 14.11 20.96 20.19
CA ILE A 138 13.75 22.14 19.41
C ILE A 138 14.85 23.20 19.59
N MET A 139 15.34 23.75 18.48
CA MET A 139 16.40 24.76 18.51
C MET A 139 16.04 25.88 17.54
N ALA A 140 16.57 27.11 17.78
CA ALA A 140 16.43 28.17 16.79
C ALA A 140 17.59 27.95 15.80
N LYS A 141 17.30 28.07 14.51
CA LYS A 141 18.28 27.90 13.42
C LYS A 141 19.07 29.22 13.29
N SER A 142 20.35 29.09 12.99
CA SER A 142 21.24 30.24 12.78
C SER A 142 21.40 30.40 11.25
N GLU A 143 20.71 31.40 10.68
CA GLU A 143 20.75 31.65 9.24
C GLU A 143 21.07 33.10 8.99
N VAL A 144 21.86 33.35 7.95
CA VAL A 144 22.31 34.73 7.64
C VAL A 144 21.45 35.38 6.55
N PHE A 145 21.11 36.66 6.76
CA PHE A 145 20.35 37.43 5.79
C PHE A 145 20.83 38.88 5.72
N CYS A 146 20.29 39.62 4.76
CA CYS A 146 20.49 41.06 4.63
C CYS A 146 19.22 41.71 5.17
N VAL A 147 19.36 42.81 5.91
CA VAL A 147 18.23 43.57 6.44
C VAL A 147 17.25 43.99 5.32
N GLN A 148 15.93 44.04 5.66
CA GLN A 148 14.81 44.44 4.80
C GLN A 148 14.75 43.71 3.46
N ARG A 154 13.98 42.69 10.31
CA ARG A 154 14.71 41.43 10.49
C ARG A 154 13.78 40.24 10.66
N LYS A 155 14.16 39.12 10.05
CA LYS A 155 13.39 37.89 10.12
C LYS A 155 13.72 37.20 11.44
N PRO A 156 12.70 36.66 12.15
CA PRO A 156 13.01 35.88 13.36
C PRO A 156 13.57 34.52 12.96
N ALA A 157 14.33 33.88 13.85
CA ALA A 157 14.89 32.55 13.61
C ALA A 157 13.85 31.52 13.22
N ARG A 158 14.20 30.63 12.28
CA ARG A 158 13.36 29.49 12.01
C ARG A 158 13.63 28.46 13.12
N LEU A 159 12.67 27.56 13.37
CA LEU A 159 12.83 26.55 14.41
C LEU A 159 13.10 25.22 13.75
N ILE A 160 13.98 24.44 14.36
CA ILE A 160 14.29 23.09 13.86
C ILE A 160 13.91 22.11 14.96
N VAL A 161 13.23 21.00 14.59
CA VAL A 161 12.79 19.98 15.56
C VAL A 161 13.33 18.64 15.04
N PHE A 162 14.12 17.94 15.85
CA PHE A 162 14.76 16.71 15.41
C PHE A 162 14.90 15.71 16.53
N PRO A 163 14.81 14.42 16.20
CA PRO A 163 14.99 13.38 17.24
C PRO A 163 16.49 13.09 17.40
N ASP A 164 16.82 12.24 18.38
CA ASP A 164 18.19 11.86 18.69
C ASP A 164 18.85 11.12 17.51
N LEU A 165 20.19 11.21 17.45
CA LEU A 165 21.01 10.58 16.43
C LEU A 165 20.66 9.08 16.20
N GLY A 166 20.46 8.31 17.26
CA GLY A 166 20.12 6.89 17.10
C GLY A 166 18.84 6.71 16.29
N VAL A 167 17.83 7.57 16.59
CA VAL A 167 16.55 7.49 15.86
C VAL A 167 16.81 7.89 14.37
N ARG A 168 17.64 8.93 14.14
CA ARG A 168 17.91 9.37 12.77
C ARG A 168 18.55 8.25 11.93
N VAL A 169 19.46 7.47 12.52
CA VAL A 169 20.04 6.32 11.80
C VAL A 169 18.94 5.29 11.45
N CYS A 170 18.04 5.00 12.40
CA CYS A 170 16.90 4.10 12.16
C CYS A 170 15.97 4.59 11.07
N GLU A 171 15.73 5.94 11.04
CA GLU A 171 14.88 6.49 9.98
C GLU A 171 15.49 6.15 8.64
N LYS A 172 16.83 6.29 8.50
CA LYS A 172 17.48 5.93 7.24
C LYS A 172 17.26 4.45 6.88
N MET A 173 17.45 3.57 7.86
CA MET A 173 17.25 2.16 7.57
C MET A 173 15.86 1.87 7.02
N ALA A 174 14.83 2.41 7.68
CA ALA A 174 13.46 2.12 7.26
C ALA A 174 13.01 2.88 5.99
N LEU A 175 13.46 4.15 5.84
CA LEU A 175 12.87 5.05 4.87
C LEU A 175 13.79 5.70 3.85
N TYR A 176 15.12 5.52 3.92
CA TYR A 176 15.94 6.23 2.95
C TYR A 176 15.57 5.82 1.51
N ASP A 177 15.40 4.50 1.26
CA ASP A 177 15.06 4.08 -0.11
C ASP A 177 13.68 4.59 -0.52
N VAL A 178 12.73 4.58 0.41
CA VAL A 178 11.38 5.10 0.15
C VAL A 178 11.45 6.58 -0.24
N VAL A 179 12.07 7.42 0.61
CA VAL A 179 12.08 8.86 0.30
C VAL A 179 12.91 9.22 -0.93
N SER A 180 13.82 8.31 -1.33
CA SER A 180 14.65 8.54 -2.51
C SER A 180 13.94 8.15 -3.79
N THR A 181 13.07 7.13 -3.75
CA THR A 181 12.49 6.59 -5.01
C THR A 181 11.00 6.84 -5.18
N LEU A 182 10.26 6.84 -4.06
CA LEU A 182 8.80 7.00 -4.15
C LEU A 182 8.34 8.34 -4.76
N PRO A 183 8.95 9.50 -4.44
CA PRO A 183 8.39 10.75 -5.00
C PRO A 183 8.33 10.75 -6.53
N GLN A 184 9.44 10.33 -7.22
CA GLN A 184 9.37 10.34 -8.70
C GLN A 184 8.38 9.28 -9.22
N ALA A 185 8.23 8.14 -8.48
CA ALA A 185 7.27 7.14 -8.97
C ALA A 185 5.84 7.66 -8.94
N VAL A 186 5.53 8.47 -7.91
CA VAL A 186 4.20 9.00 -7.71
C VAL A 186 3.91 10.24 -8.55
N MET A 187 4.86 11.17 -8.59
CA MET A 187 4.63 12.47 -9.21
C MET A 187 5.24 12.65 -10.60
N GLY A 188 6.07 11.70 -11.03
CA GLY A 188 6.66 11.73 -12.36
C GLY A 188 7.43 13.00 -12.60
N SER A 189 7.19 13.60 -13.75
CA SER A 189 7.95 14.80 -14.15
C SER A 189 7.70 16.01 -13.25
N SER A 190 6.63 15.97 -12.41
CA SER A 190 6.36 17.09 -11.50
C SER A 190 7.31 17.12 -10.29
N TYR A 191 8.04 16.02 -10.05
CA TYR A 191 8.90 15.99 -8.85
C TYR A 191 10.17 16.81 -9.12
N GLY A 192 10.29 17.96 -8.45
CA GLY A 192 11.41 18.86 -8.75
C GLY A 192 12.83 18.38 -8.51
N PHE A 193 13.02 17.53 -7.49
CA PHE A 193 14.37 17.17 -7.07
C PHE A 193 15.08 16.18 -7.99
N GLN A 194 14.40 15.67 -9.04
CA GLN A 194 15.06 14.76 -9.99
C GLN A 194 15.86 15.55 -11.04
N TYR A 195 15.77 16.90 -10.99
CA TYR A 195 16.41 17.72 -12.02
C TYR A 195 17.64 18.46 -11.54
N SER A 196 18.66 18.49 -12.39
CA SER A 196 19.78 19.41 -12.16
C SER A 196 19.21 20.81 -12.51
N PRO A 197 19.90 21.94 -12.19
CA PRO A 197 19.35 23.25 -12.60
C PRO A 197 19.13 23.34 -14.13
N LYS A 198 20.03 22.77 -14.97
CA LYS A 198 19.86 22.81 -16.44
C LYS A 198 18.60 22.00 -16.85
N GLN A 199 18.38 20.84 -16.21
CA GLN A 199 17.21 20.02 -16.49
C GLN A 199 15.95 20.71 -16.03
N ARG A 200 16.02 21.44 -14.90
CA ARG A 200 14.87 22.18 -14.39
C ARG A 200 14.49 23.31 -15.36
N VAL A 201 15.51 24.05 -15.85
CA VAL A 201 15.19 25.13 -16.79
C VAL A 201 14.60 24.60 -18.12
N GLU A 202 15.13 23.46 -18.59
CA GLU A 202 14.64 22.78 -19.79
C GLU A 202 13.17 22.37 -19.56
N PHE A 203 12.87 21.79 -18.38
CA PHE A 203 11.49 21.37 -18.06
C PHE A 203 10.54 22.57 -18.01
N LEU A 204 10.97 23.69 -17.36
CA LEU A 204 10.13 24.88 -17.27
C LEU A 204 9.89 25.49 -18.65
N VAL A 205 10.97 25.64 -19.46
CA VAL A 205 10.85 26.25 -20.80
C VAL A 205 9.95 25.37 -21.71
N ASN A 206 10.21 24.05 -21.75
CA ASN A 206 9.43 23.10 -22.57
C ASN A 206 7.97 23.07 -22.13
N THR A 207 7.71 23.06 -20.81
CA THR A 207 6.34 23.10 -20.28
C THR A 207 5.64 24.40 -20.72
N TRP A 208 6.30 25.55 -20.52
CA TRP A 208 5.78 26.87 -20.89
C TRP A 208 5.40 26.91 -22.37
N LYS A 209 6.37 26.52 -23.23
CA LYS A 209 6.17 26.54 -24.68
C LYS A 209 5.15 25.48 -25.15
N SER A 210 4.84 24.46 -24.33
CA SER A 210 3.90 23.35 -24.68
C SER A 210 2.43 23.76 -24.65
N LYS A 211 2.13 24.85 -23.94
CA LYS A 211 0.77 25.38 -23.82
C LYS A 211 0.46 26.26 -25.04
N LYS A 212 -0.81 26.32 -25.46
CA LYS A 212 -1.23 27.18 -26.57
C LYS A 212 -1.11 28.66 -26.15
N CYS A 213 -1.57 28.98 -24.91
CA CYS A 213 -1.52 30.31 -24.32
C CYS A 213 -1.19 30.09 -22.83
N PRO A 214 0.10 30.06 -22.46
CA PRO A 214 0.44 29.73 -21.06
C PRO A 214 0.12 30.79 -20.02
N MET A 215 -0.14 30.32 -18.80
CA MET A 215 -0.27 31.15 -17.61
C MET A 215 0.42 30.32 -16.53
N GLY A 216 1.17 30.99 -15.67
CA GLY A 216 1.86 30.29 -14.60
C GLY A 216 1.78 31.07 -13.32
N PHE A 217 1.92 30.37 -12.20
CA PHE A 217 1.96 31.06 -10.93
C PHE A 217 2.72 30.22 -9.91
N SER A 218 3.37 30.90 -8.97
CA SER A 218 4.01 30.29 -7.80
C SER A 218 2.97 30.39 -6.66
N TYR A 219 2.91 29.36 -5.80
CA TYR A 219 1.98 29.39 -4.67
C TYR A 219 2.78 29.24 -3.41
N ASP A 220 2.72 30.28 -2.56
CA ASP A 220 3.46 30.34 -1.32
C ASP A 220 2.54 29.99 -0.16
N THR A 221 2.71 28.80 0.45
CA THR A 221 1.90 28.48 1.63
C THR A 221 2.52 29.16 2.83
N ARG A 222 1.70 29.75 3.70
CA ARG A 222 2.28 30.35 4.89
C ARG A 222 2.61 29.28 5.95
N CYS A 223 3.85 29.28 6.46
CA CYS A 223 4.37 28.36 7.52
C CYS A 223 3.96 26.93 7.17
N PHE A 224 4.36 26.43 5.97
CA PHE A 224 3.89 25.12 5.53
C PHE A 224 3.96 24.00 6.61
N ASP A 225 5.09 23.85 7.30
CA ASP A 225 5.19 22.73 8.25
C ASP A 225 4.09 22.79 9.29
N SER A 226 3.76 24.01 9.74
CA SER A 226 2.68 24.13 10.72
C SER A 226 1.30 23.82 10.15
N THR A 227 1.09 23.95 8.81
CA THR A 227 -0.21 23.68 8.21
C THR A 227 -0.47 22.17 8.02
N VAL A 228 0.63 21.37 8.14
CA VAL A 228 0.54 19.93 7.96
C VAL A 228 -0.17 19.29 9.17
N THR A 229 -1.27 18.64 8.90
CA THR A 229 -2.09 18.04 9.98
C THR A 229 -1.71 16.61 10.28
N GLU A 230 -2.26 16.09 11.40
CA GLU A 230 -2.06 14.66 11.71
C GLU A 230 -2.67 13.81 10.57
N SER A 231 -3.83 14.24 10.00
CA SER A 231 -4.44 13.53 8.86
C SER A 231 -3.47 13.51 7.66
N ASP A 232 -2.84 14.63 7.35
CA ASP A 232 -1.87 14.68 6.25
C ASP A 232 -0.72 13.68 6.45
N ILE A 233 -0.20 13.59 7.70
CA ILE A 233 0.96 12.74 7.99
C ILE A 233 0.55 11.25 7.91
N ARG A 234 -0.69 10.93 8.30
CA ARG A 234 -1.21 9.56 8.19
C ARG A 234 -1.49 9.23 6.71
N VAL A 235 -1.97 10.23 5.92
CA VAL A 235 -2.17 10.06 4.48
C VAL A 235 -0.82 9.79 3.82
N GLU A 236 0.21 10.53 4.21
CA GLU A 236 1.56 10.32 3.68
C GLU A 236 1.99 8.86 3.99
N GLU A 237 1.78 8.42 5.23
CA GLU A 237 2.14 7.03 5.58
C GLU A 237 1.34 6.05 4.70
N SER A 238 0.05 6.36 4.38
CA SER A 238 -0.77 5.44 3.56
C SER A 238 -0.15 5.29 2.17
N ILE A 239 0.54 6.33 1.68
CA ILE A 239 1.27 6.23 0.41
C ILE A 239 2.54 5.36 0.58
N TYR A 240 3.34 5.59 1.65
CA TYR A 240 4.54 4.77 1.89
C TYR A 240 4.16 3.31 2.02
N GLN A 241 3.00 3.04 2.64
CA GLN A 241 2.58 1.64 2.88
C GLN A 241 2.21 0.87 1.60
N CYS A 242 2.04 1.58 0.45
CA CYS A 242 1.77 0.94 -0.84
C CYS A 242 3.06 0.32 -1.41
N CYS A 243 4.22 0.67 -0.87
CA CYS A 243 5.47 0.04 -1.34
C CYS A 243 5.52 -1.41 -0.93
N ASP A 244 6.33 -2.19 -1.67
CA ASP A 244 6.69 -3.51 -1.19
C ASP A 244 7.80 -3.18 -0.17
N LEU A 245 7.62 -3.68 1.06
CA LEU A 245 8.51 -3.39 2.18
C LEU A 245 8.81 -4.66 2.96
N ALA A 246 10.04 -4.71 3.53
CA ALA A 246 10.42 -5.75 4.46
C ALA A 246 9.47 -5.57 5.65
N PRO A 247 9.09 -6.67 6.33
CA PRO A 247 8.16 -6.53 7.47
C PRO A 247 8.70 -5.59 8.55
N GLU A 248 10.01 -5.66 8.85
CA GLU A 248 10.54 -4.74 9.87
C GLU A 248 10.45 -3.30 9.38
N ALA A 249 10.65 -3.06 8.06
CA ALA A 249 10.49 -1.68 7.56
C ALA A 249 9.01 -1.25 7.70
N ARG A 250 8.04 -2.14 7.41
CA ARG A 250 6.63 -1.77 7.56
C ARG A 250 6.32 -1.37 9.00
N GLN A 251 6.77 -2.18 9.98
CA GLN A 251 6.53 -1.84 11.37
C GLN A 251 7.28 -0.55 11.77
N ALA A 252 8.53 -0.40 11.32
CA ALA A 252 9.28 0.82 11.69
C ALA A 252 8.58 2.06 11.15
N ILE A 253 8.06 2.01 9.91
CA ILE A 253 7.34 3.15 9.32
C ILE A 253 6.08 3.44 10.14
N ARG A 254 5.32 2.38 10.49
CA ARG A 254 4.11 2.53 11.31
C ARG A 254 4.46 3.18 12.66
N SER A 255 5.51 2.68 13.35
CA SER A 255 5.92 3.17 14.66
C SER A 255 6.46 4.60 14.55
N LEU A 256 7.28 4.88 13.53
CA LEU A 256 7.82 6.23 13.33
C LEU A 256 6.68 7.21 13.05
N THR A 257 5.68 6.81 12.27
CA THR A 257 4.53 7.70 12.00
C THR A 257 3.82 8.06 13.29
N GLU A 258 3.47 7.06 14.10
CA GLU A 258 2.69 7.36 15.30
C GLU A 258 3.48 8.01 16.40
N ARG A 259 4.76 7.67 16.51
CA ARG A 259 5.61 8.12 17.63
C ARG A 259 6.41 9.37 17.39
N LEU A 260 6.63 9.70 16.11
CA LEU A 260 7.48 10.82 15.77
C LEU A 260 6.85 11.74 14.71
N TYR A 261 6.47 11.18 13.57
CA TYR A 261 6.06 12.09 12.49
C TYR A 261 4.78 12.87 12.75
N ILE A 262 3.78 12.25 13.37
CA ILE A 262 2.53 12.99 13.60
C ILE A 262 2.68 14.06 14.67
N GLY A 263 3.69 13.93 15.53
CA GLY A 263 3.87 14.88 16.63
C GLY A 263 4.56 14.26 17.81
N GLY A 264 4.74 15.03 18.86
CA GLY A 264 5.46 14.55 20.02
C GLY A 264 5.97 15.68 20.90
N PRO A 265 6.60 15.29 22.01
CA PRO A 265 7.11 16.30 22.95
C PRO A 265 8.32 17.03 22.44
N LEU A 266 8.43 18.30 22.85
CA LEU A 266 9.54 19.16 22.48
C LEU A 266 10.39 19.42 23.71
N THR A 267 11.71 19.26 23.59
CA THR A 267 12.66 19.50 24.67
C THR A 267 13.69 20.52 24.22
N ASN A 268 14.03 21.49 25.11
CA ASN A 268 15.06 22.46 24.70
C ASN A 268 16.46 21.93 24.94
N SER A 269 17.51 22.72 24.58
CA SER A 269 18.91 22.31 24.72
C SER A 269 19.30 22.04 26.19
N LYS A 270 18.55 22.61 27.15
CA LYS A 270 18.78 22.43 28.60
C LYS A 270 18.09 21.19 29.16
N GLY A 271 17.33 20.48 28.33
CA GLY A 271 16.61 19.28 28.76
C GLY A 271 15.23 19.53 29.33
N GLN A 272 14.74 20.78 29.22
CA GLN A 272 13.45 21.17 29.77
C GLN A 272 12.35 20.90 28.79
N ASN A 273 11.19 20.46 29.32
CA ASN A 273 10.00 20.20 28.51
C ASN A 273 9.52 21.56 28.00
N CYS A 274 9.49 21.71 26.67
N CYS A 274 9.47 21.72 26.66
CA CYS A 274 9.17 22.95 25.94
CA CYS A 274 9.11 22.97 25.95
C CYS A 274 7.72 23.02 25.43
C CYS A 274 7.67 23.02 25.47
N GLY A 275 7.14 21.89 25.08
CA GLY A 275 5.79 21.88 24.54
C GLY A 275 5.52 20.64 23.75
N TYR A 276 4.55 20.74 22.86
CA TYR A 276 4.12 19.57 22.11
C TYR A 276 3.81 19.98 20.71
N ARG A 277 4.27 19.17 19.74
CA ARG A 277 4.05 19.45 18.32
C ARG A 277 2.97 18.52 17.76
N ARG A 278 2.08 19.07 16.91
CA ARG A 278 1.08 18.28 16.18
C ARG A 278 1.12 18.60 14.68
N CYS A 279 2.32 18.82 14.16
CA CYS A 279 2.50 19.21 12.75
C CYS A 279 3.81 18.64 12.30
N ARG A 280 4.20 18.97 11.07
CA ARG A 280 5.46 18.46 10.52
C ARG A 280 6.68 18.88 11.34
N ALA A 281 7.58 17.93 11.67
CA ALA A 281 8.89 18.23 12.26
C ALA A 281 9.81 18.63 11.07
N SER A 282 10.58 19.71 11.21
CA SER A 282 11.45 20.14 10.11
C SER A 282 12.72 19.30 9.99
N GLY A 283 13.07 18.56 11.04
CA GLY A 283 14.33 17.85 11.10
C GLY A 283 14.24 16.34 11.13
N VAL A 284 13.37 15.77 10.25
CA VAL A 284 13.28 14.31 10.14
C VAL A 284 13.51 13.90 8.68
N LEU A 285 13.77 12.61 8.47
CA LEU A 285 14.12 12.19 7.11
C LEU A 285 12.98 12.39 6.10
N THR A 286 11.72 12.29 6.57
CA THR A 286 10.56 12.40 5.69
C THR A 286 10.11 13.84 5.46
N THR A 287 10.81 14.84 6.03
CA THR A 287 10.32 16.22 5.85
C THR A 287 10.15 16.60 4.37
N SER A 288 11.20 16.42 3.58
CA SER A 288 11.14 16.81 2.17
C SER A 288 10.12 16.01 1.35
N CYS A 289 10.19 14.68 1.48
CA CYS A 289 9.30 13.79 0.76
C CYS A 289 7.87 14.02 1.16
N GLY A 290 7.63 14.06 2.47
CA GLY A 290 6.27 14.28 2.96
C GLY A 290 5.70 15.62 2.53
N ASN A 291 6.52 16.68 2.61
CA ASN A 291 6.03 17.99 2.20
C ASN A 291 5.72 18.00 0.72
N THR A 292 6.60 17.39 -0.09
CA THR A 292 6.39 17.34 -1.53
C THR A 292 5.09 16.61 -1.87
N LEU A 293 4.89 15.41 -1.29
CA LEU A 293 3.68 14.64 -1.54
C LEU A 293 2.42 15.42 -1.14
N THR A 294 2.46 16.02 0.07
CA THR A 294 1.31 16.78 0.62
C THR A 294 1.00 17.99 -0.24
N CYS A 295 2.02 18.74 -0.63
CA CYS A 295 1.84 19.91 -1.48
C CYS A 295 1.28 19.50 -2.85
N TYR A 296 1.84 18.47 -3.48
CA TYR A 296 1.37 17.97 -4.76
C TYR A 296 -0.07 17.52 -4.65
N LEU A 297 -0.40 16.74 -3.61
CA LEU A 297 -1.76 16.21 -3.47
C LEU A 297 -2.76 17.38 -3.34
N LYS A 298 -2.49 18.31 -2.42
CA LYS A 298 -3.41 19.44 -2.20
C LYS A 298 -3.52 20.29 -3.46
N ALA A 299 -2.39 20.58 -4.10
CA ALA A 299 -2.42 21.42 -5.31
C ALA A 299 -3.10 20.76 -6.48
N THR A 300 -2.83 19.45 -6.71
CA THR A 300 -3.48 18.72 -7.82
C THR A 300 -4.99 18.72 -7.63
N ALA A 301 -5.43 18.44 -6.40
CA ALA A 301 -6.86 18.45 -6.10
C ALA A 301 -7.44 19.89 -6.24
N ALA A 302 -6.70 20.90 -5.75
CA ALA A 302 -7.12 22.29 -5.85
C ALA A 302 -7.25 22.78 -7.31
N CYS A 303 -6.36 22.31 -8.21
N CYS A 303 -6.38 22.29 -8.24
CA CYS A 303 -6.43 22.65 -9.63
CA CYS A 303 -6.46 22.63 -9.67
C CYS A 303 -7.78 22.16 -10.20
C CYS A 303 -7.76 22.12 -10.26
N ARG A 304 -8.20 20.94 -9.82
CA ARG A 304 -9.44 20.32 -10.26
C ARG A 304 -10.64 21.11 -9.73
N ALA A 305 -10.61 21.48 -8.44
CA ALA A 305 -11.68 22.29 -7.81
C ALA A 305 -11.80 23.65 -8.51
N ALA A 306 -10.65 24.23 -8.90
CA ALA A 306 -10.59 25.55 -9.55
C ALA A 306 -10.91 25.54 -11.03
N LYS A 307 -10.98 24.35 -11.64
CA LYS A 307 -11.19 24.14 -13.08
C LYS A 307 -10.06 24.79 -13.93
N LEU A 308 -8.82 24.74 -13.39
CA LEU A 308 -7.66 25.21 -14.12
C LEU A 308 -7.39 24.17 -15.20
N GLN A 309 -7.11 24.62 -16.43
CA GLN A 309 -6.96 23.75 -17.59
C GLN A 309 -5.52 23.33 -17.84
N ASP A 310 -5.30 22.02 -18.09
CA ASP A 310 -4.00 21.43 -18.47
C ASP A 310 -2.83 21.87 -17.54
N CYS A 311 -3.03 21.72 -16.24
CA CYS A 311 -2.04 22.06 -15.21
C CYS A 311 -0.83 21.16 -15.26
N THR A 312 0.35 21.76 -15.13
CA THR A 312 1.59 21.02 -15.00
C THR A 312 2.21 21.64 -13.77
N MET A 313 2.44 20.83 -12.76
CA MET A 313 3.00 21.24 -11.48
C MET A 313 4.49 20.93 -11.46
N LEU A 314 5.24 21.73 -10.72
CA LEU A 314 6.65 21.41 -10.43
C LEU A 314 6.76 21.68 -8.94
N VAL A 315 7.04 20.63 -8.17
CA VAL A 315 6.99 20.72 -6.69
C VAL A 315 8.30 20.33 -6.07
N ASN A 316 8.80 21.13 -5.11
CA ASN A 316 10.02 20.82 -4.35
C ASN A 316 9.67 21.09 -2.89
N GLY A 317 9.26 20.08 -2.13
CA GLY A 317 8.81 20.33 -0.75
C GLY A 317 7.57 21.20 -0.81
N ASP A 318 7.57 22.30 -0.05
CA ASP A 318 6.47 23.25 -0.03
C ASP A 318 6.56 24.25 -1.20
N ASP A 319 7.62 24.16 -2.01
CA ASP A 319 7.76 25.13 -3.11
C ASP A 319 7.04 24.65 -4.32
N LEU A 320 6.04 25.43 -4.76
CA LEU A 320 5.15 25.04 -5.85
C LEU A 320 5.04 26.06 -6.97
N VAL A 321 5.12 25.59 -8.23
CA VAL A 321 4.88 26.39 -9.42
C VAL A 321 3.94 25.62 -10.33
N VAL A 322 2.96 26.31 -10.89
CA VAL A 322 1.97 25.69 -11.76
C VAL A 322 2.00 26.41 -13.09
N ILE A 323 2.00 25.64 -14.18
CA ILE A 323 1.92 26.19 -15.53
C ILE A 323 0.71 25.55 -16.18
N CYS A 324 -0.20 26.37 -16.67
CA CYS A 324 -1.41 25.82 -17.25
C CYS A 324 -1.80 26.56 -18.51
N GLU A 325 -2.93 26.17 -19.07
CA GLU A 325 -3.53 26.76 -20.26
C GLU A 325 -4.43 27.93 -19.81
N SER A 326 -4.19 29.13 -20.32
CA SER A 326 -5.01 30.31 -19.99
C SER A 326 -6.44 30.18 -20.55
N ALA A 327 -7.42 30.64 -19.79
CA ALA A 327 -8.83 30.68 -20.21
C ALA A 327 -9.22 32.16 -20.43
N GLY A 328 -8.21 33.04 -20.41
CA GLY A 328 -8.34 34.49 -20.52
C GLY A 328 -8.03 35.13 -19.17
N THR A 329 -7.59 36.41 -19.16
CA THR A 329 -7.21 37.15 -17.93
C THR A 329 -8.20 37.19 -16.79
N GLN A 330 -9.50 37.46 -17.07
CA GLN A 330 -10.51 37.54 -16.01
C GLN A 330 -10.81 36.16 -15.45
N GLU A 331 -10.96 35.16 -16.33
CA GLU A 331 -11.21 33.76 -16.01
C GLU A 331 -10.04 33.19 -15.19
N ASP A 332 -8.78 33.54 -15.58
CA ASP A 332 -7.57 33.09 -14.86
C ASP A 332 -7.52 33.65 -13.46
N ALA A 333 -7.88 34.94 -13.29
CA ALA A 333 -7.88 35.65 -12.01
C ALA A 333 -8.88 34.99 -11.04
N ALA A 334 -10.07 34.63 -11.56
CA ALA A 334 -11.15 33.97 -10.81
C ALA A 334 -10.75 32.52 -10.48
N ALA A 335 -10.17 31.78 -11.45
CA ALA A 335 -9.76 30.38 -11.19
C ALA A 335 -8.64 30.31 -10.16
N LEU A 336 -7.72 31.28 -10.19
CA LEU A 336 -6.63 31.32 -9.20
C LEU A 336 -7.19 31.61 -7.80
N ARG A 337 -8.25 32.46 -7.69
CA ARG A 337 -8.91 32.70 -6.41
C ARG A 337 -9.57 31.39 -5.92
N ALA A 338 -10.19 30.63 -6.84
CA ALA A 338 -10.85 29.35 -6.54
C ALA A 338 -9.77 28.31 -6.08
N PHE A 339 -8.60 28.35 -6.71
CA PHE A 339 -7.47 27.46 -6.34
C PHE A 339 -7.05 27.75 -4.88
N THR A 340 -6.86 29.03 -4.55
CA THR A 340 -6.46 29.49 -3.24
C THR A 340 -7.50 29.09 -2.22
N GLU A 341 -8.80 29.24 -2.55
CA GLU A 341 -9.88 28.84 -1.63
C GLU A 341 -9.82 27.34 -1.35
N ALA A 342 -9.57 26.52 -2.38
CA ALA A 342 -9.50 25.06 -2.23
C ALA A 342 -8.26 24.70 -1.40
N MET A 343 -7.09 25.32 -1.70
CA MET A 343 -5.88 25.08 -0.88
C MET A 343 -6.12 25.44 0.60
N THR A 344 -6.82 26.55 0.86
CA THR A 344 -7.13 27.00 2.21
C THR A 344 -7.99 25.94 2.93
N ARG A 345 -9.02 25.42 2.26
CA ARG A 345 -9.86 24.34 2.84
C ARG A 345 -8.98 23.15 3.20
N TYR A 346 -7.97 22.84 2.33
CA TYR A 346 -7.06 21.73 2.59
C TYR A 346 -6.01 22.00 3.67
N SER A 347 -6.01 23.20 4.30
CA SER A 347 -5.03 23.62 5.32
C SER A 347 -3.68 23.88 4.61
N ALA A 348 -3.71 24.76 3.60
CA ALA A 348 -2.50 25.24 2.93
C ALA A 348 -2.84 26.68 2.49
N PRO A 349 -3.16 27.57 3.46
CA PRO A 349 -3.53 28.95 3.09
C PRO A 349 -2.32 29.71 2.55
N PRO A 350 -2.54 30.74 1.74
CA PRO A 350 -1.40 31.45 1.14
C PRO A 350 -0.70 32.45 2.06
N GLY A 351 0.57 32.70 1.79
CA GLY A 351 1.34 33.75 2.45
C GLY A 351 0.88 35.02 1.75
N ASP A 352 1.40 35.28 0.56
CA ASP A 352 0.86 36.39 -0.22
C ASP A 352 0.01 35.80 -1.33
N PRO A 353 -1.06 36.47 -1.78
CA PRO A 353 -1.93 35.86 -2.77
C PRO A 353 -1.18 35.57 -4.08
N PRO A 354 -1.41 34.39 -4.68
CA PRO A 354 -0.74 34.08 -5.95
C PRO A 354 -1.16 35.05 -7.06
N GLN A 355 -0.27 35.32 -8.00
CA GLN A 355 -0.61 36.22 -9.09
C GLN A 355 -0.43 35.51 -10.42
N PRO A 356 -1.40 35.58 -11.33
CA PRO A 356 -1.21 34.94 -12.66
C PRO A 356 -0.10 35.66 -13.40
N GLU A 357 0.81 34.91 -14.03
CA GLU A 357 1.91 35.47 -14.81
C GLU A 357 1.85 34.95 -16.23
N TYR A 358 2.16 35.85 -17.18
CA TYR A 358 2.09 35.54 -18.61
C TYR A 358 3.46 35.61 -19.29
N ASP A 359 4.51 35.78 -18.49
CA ASP A 359 5.91 35.83 -18.92
C ASP A 359 6.62 34.85 -17.98
N LEU A 360 7.25 33.80 -18.55
CA LEU A 360 7.95 32.78 -17.74
C LEU A 360 9.06 33.40 -16.89
N GLU A 361 9.77 34.41 -17.41
CA GLU A 361 10.89 35.04 -16.70
C GLU A 361 10.44 35.83 -15.44
N LEU A 362 9.14 36.12 -15.30
CA LEU A 362 8.60 36.85 -14.15
C LEU A 362 8.20 35.91 -13.01
N ILE A 363 8.30 34.59 -13.25
CA ILE A 363 7.91 33.64 -12.19
C ILE A 363 9.13 33.32 -11.33
N THR A 364 8.97 33.33 -10.00
CA THR A 364 10.02 32.91 -9.07
C THR A 364 9.58 31.57 -8.50
N SER A 365 10.39 30.52 -8.69
CA SER A 365 10.09 29.21 -8.08
C SER A 365 11.41 28.67 -7.59
N CYS A 366 11.42 28.04 -6.39
CA CYS A 366 12.69 27.62 -5.76
C CYS A 366 13.63 28.83 -5.67
N SER A 367 13.03 30.01 -5.37
CA SER A 367 13.73 31.30 -5.19
C SER A 367 14.51 31.72 -6.45
N SER A 368 14.18 31.14 -7.59
CA SER A 368 14.91 31.34 -8.83
C SER A 368 14.02 31.72 -9.98
N ASN A 369 14.59 32.37 -10.99
CA ASN A 369 13.84 32.69 -12.20
C ASN A 369 14.67 32.35 -13.44
N VAL A 370 13.97 32.06 -14.52
CA VAL A 370 14.55 31.77 -15.82
C VAL A 370 15.05 33.10 -16.38
N SER A 371 16.26 33.10 -16.95
CA SER A 371 16.79 34.27 -17.63
C SER A 371 17.51 33.75 -18.86
N VAL A 372 17.93 34.68 -19.75
CA VAL A 372 18.54 34.31 -21.01
C VAL A 372 19.87 35.02 -21.21
N ALA A 373 20.84 34.28 -21.74
CA ALA A 373 22.10 34.91 -22.13
C ALA A 373 22.50 34.26 -23.48
N HIS A 374 23.70 34.52 -23.96
CA HIS A 374 24.13 33.98 -25.26
C HIS A 374 25.41 33.22 -25.10
N ASP A 375 25.59 32.12 -25.87
CA ASP A 375 26.84 31.37 -25.78
C ASP A 375 27.88 31.98 -26.74
N ALA A 376 29.06 31.34 -26.88
CA ALA A 376 30.13 31.85 -27.77
C ALA A 376 29.66 32.09 -29.23
N SER A 377 28.71 31.28 -29.73
CA SER A 377 28.12 31.35 -31.08
C SER A 377 26.99 32.38 -31.23
N GLY A 378 26.56 32.94 -30.10
CA GLY A 378 25.49 33.93 -30.06
C GLY A 378 24.12 33.31 -29.87
N LYS A 379 24.07 31.99 -29.71
CA LYS A 379 22.84 31.21 -29.50
C LYS A 379 22.27 31.54 -28.11
N ARG A 380 20.94 31.63 -28.03
CA ARG A 380 20.22 31.86 -26.77
C ARG A 380 20.35 30.65 -25.86
N VAL A 381 20.69 30.89 -24.59
CA VAL A 381 20.82 29.85 -23.61
C VAL A 381 19.98 30.27 -22.42
N TYR A 382 19.01 29.43 -22.05
CA TYR A 382 18.21 29.73 -20.85
C TYR A 382 18.94 29.16 -19.63
N TYR A 383 18.85 29.86 -18.50
CA TYR A 383 19.50 29.36 -17.26
C TYR A 383 18.73 29.92 -16.08
N LEU A 384 18.95 29.33 -14.89
CA LEU A 384 18.28 29.82 -13.70
C LEU A 384 19.21 30.74 -12.92
N THR A 385 18.64 31.86 -12.47
CA THR A 385 19.36 32.80 -11.61
C THR A 385 18.46 33.14 -10.42
N ARG A 386 18.94 34.00 -9.54
CA ARG A 386 18.15 34.45 -8.38
C ARG A 386 18.72 35.78 -7.97
N ASP A 387 17.96 36.52 -7.13
CA ASP A 387 18.48 37.74 -6.54
C ASP A 387 19.73 37.33 -5.73
N PRO A 388 20.89 37.99 -5.91
CA PRO A 388 22.13 37.53 -5.22
C PRO A 388 22.34 38.05 -3.81
N THR A 389 21.35 38.80 -3.27
CA THR A 389 21.52 39.40 -1.92
C THR A 389 21.86 38.36 -0.84
N THR A 390 21.01 37.32 -0.67
CA THR A 390 21.28 36.30 0.36
C THR A 390 22.59 35.54 0.09
N PRO A 391 22.84 35.06 -1.15
CA PRO A 391 24.11 34.42 -1.45
C PRO A 391 25.33 35.27 -1.11
N LEU A 392 25.27 36.60 -1.39
CA LEU A 392 26.41 37.47 -1.08
C LEU A 392 26.60 37.73 0.42
N ALA A 393 25.47 37.93 1.13
CA ALA A 393 25.50 38.13 2.58
C ALA A 393 26.08 36.87 3.26
N ARG A 394 25.64 35.69 2.81
CA ARG A 394 26.16 34.41 3.38
C ARG A 394 27.60 34.17 3.01
N ALA A 395 28.01 34.54 1.78
CA ALA A 395 29.40 34.38 1.36
C ALA A 395 30.31 35.29 2.21
N ALA A 396 29.83 36.49 2.57
CA ALA A 396 30.60 37.42 3.43
C ALA A 396 30.74 36.78 4.83
N TRP A 397 29.65 36.21 5.36
CA TRP A 397 29.69 35.56 6.66
C TRP A 397 30.68 34.42 6.67
N GLU A 398 30.64 33.57 5.63
CA GLU A 398 31.50 32.40 5.49
C GLU A 398 32.95 32.74 5.29
N THR A 399 33.23 33.96 4.81
CA THR A 399 34.59 34.46 4.65
C THR A 399 35.13 34.85 6.03
N ALA A 400 34.31 35.49 6.88
CA ALA A 400 34.73 35.96 8.22
C ALA A 400 34.77 34.85 9.26
N ARG A 401 33.93 33.80 9.08
CA ARG A 401 33.85 32.71 10.07
C ARG A 401 33.84 31.37 9.40
N HIS A 402 34.53 30.37 9.97
CA HIS A 402 34.47 29.01 9.44
C HIS A 402 33.08 28.45 9.81
N THR A 403 32.27 28.13 8.81
CA THR A 403 30.91 27.64 9.02
C THR A 403 30.86 26.16 8.60
N PRO A 404 29.98 25.30 9.20
CA PRO A 404 29.97 23.88 8.79
C PRO A 404 29.58 23.65 7.33
N ILE A 405 28.65 24.46 6.80
CA ILE A 405 28.21 24.37 5.41
C ILE A 405 28.65 25.65 4.70
N ASN A 406 29.29 25.50 3.56
CA ASN A 406 29.71 26.63 2.74
C ASN A 406 28.68 26.87 1.65
N SER A 407 27.72 27.78 1.91
CA SER A 407 26.70 28.09 0.91
C SER A 407 27.33 28.66 -0.36
N TRP A 408 28.47 29.36 -0.24
CA TRP A 408 29.12 29.93 -1.43
C TRP A 408 29.47 28.86 -2.46
N LEU A 409 29.96 27.71 -1.97
CA LEU A 409 30.36 26.60 -2.83
C LEU A 409 29.13 25.97 -3.51
N GLY A 410 28.05 25.78 -2.73
CA GLY A 410 26.81 25.27 -3.29
C GLY A 410 26.23 26.24 -4.32
N ASN A 411 26.38 27.57 -4.04
CA ASN A 411 25.89 28.58 -4.99
C ASN A 411 26.68 28.58 -6.28
N ILE A 412 28.02 28.44 -6.19
CA ILE A 412 28.79 28.36 -7.43
C ILE A 412 28.38 27.15 -8.22
N ILE A 413 28.14 26.00 -7.56
CA ILE A 413 27.75 24.80 -8.30
C ILE A 413 26.38 24.97 -8.96
N MET A 414 25.39 25.42 -8.20
CA MET A 414 24.02 25.49 -8.71
C MET A 414 23.72 26.67 -9.61
N TYR A 415 24.42 27.78 -9.37
CA TYR A 415 24.24 28.99 -10.15
C TYR A 415 25.47 29.34 -10.99
N ALA A 416 26.27 28.30 -11.37
CA ALA A 416 27.47 28.53 -12.16
C ALA A 416 27.30 29.39 -13.42
N PRO A 417 26.19 29.34 -14.18
CA PRO A 417 26.09 30.18 -15.39
C PRO A 417 25.83 31.67 -15.11
N THR A 418 25.47 32.02 -13.85
CA THR A 418 25.06 33.40 -13.54
C THR A 418 26.22 34.37 -13.57
N LEU A 419 25.88 35.63 -13.91
CA LEU A 419 26.88 36.72 -13.90
C LEU A 419 27.50 36.88 -12.51
N TRP A 420 26.68 36.80 -11.45
CA TRP A 420 27.15 37.04 -10.09
C TRP A 420 27.98 35.88 -9.55
N ALA A 421 27.59 34.62 -9.85
CA ALA A 421 28.44 33.53 -9.34
C ALA A 421 29.80 33.50 -10.02
N ARG A 422 29.85 33.84 -11.32
CA ARG A 422 31.11 33.80 -12.08
C ARG A 422 32.02 35.00 -11.73
N MET A 423 31.44 36.20 -11.77
CA MET A 423 32.29 37.37 -11.55
C MET A 423 32.65 37.64 -10.09
N ILE A 424 31.73 37.33 -9.14
CA ILE A 424 31.98 37.64 -7.74
C ILE A 424 32.37 36.43 -6.93
N LEU A 425 31.48 35.42 -6.84
CA LEU A 425 31.82 34.29 -5.97
C LEU A 425 33.06 33.52 -6.42
N MET A 426 33.17 33.21 -7.74
CA MET A 426 34.37 32.48 -8.15
C MET A 426 35.61 33.32 -7.89
N THR A 427 35.58 34.60 -8.29
CA THR A 427 36.75 35.48 -8.12
C THR A 427 37.16 35.61 -6.64
N HIS A 428 36.22 35.90 -5.77
CA HIS A 428 36.51 36.10 -4.36
C HIS A 428 37.11 34.86 -3.72
N PHE A 429 36.43 33.69 -3.85
CA PHE A 429 36.93 32.50 -3.16
C PHE A 429 38.16 31.90 -3.79
N PHE A 430 38.31 31.95 -5.13
CA PHE A 430 39.56 31.41 -5.70
C PHE A 430 40.74 32.29 -5.30
N SER A 431 40.51 33.61 -5.18
CA SER A 431 41.59 34.53 -4.77
C SER A 431 42.04 34.19 -3.35
N ILE A 432 41.08 34.02 -2.43
CA ILE A 432 41.40 33.69 -1.03
C ILE A 432 42.01 32.32 -0.89
N LEU A 433 41.39 31.32 -1.53
CA LEU A 433 41.92 29.96 -1.39
C LEU A 433 43.27 29.77 -2.02
N LEU A 434 43.55 30.47 -3.12
CA LEU A 434 44.87 30.35 -3.72
C LEU A 434 45.93 30.97 -2.80
N ALA A 435 45.62 32.10 -2.15
CA ALA A 435 46.56 32.76 -1.23
C ALA A 435 46.85 31.88 0.00
N GLN A 436 45.88 31.02 0.36
CA GLN A 436 45.96 30.13 1.53
C GLN A 436 46.43 28.72 1.22
N GLU A 437 46.73 28.43 -0.06
CA GLU A 437 47.15 27.12 -0.60
C GLU A 437 46.09 26.07 -0.20
N GLN A 438 44.79 26.47 -0.30
CA GLN A 438 43.66 25.62 0.07
C GLN A 438 42.73 25.30 -1.09
N LEU A 439 43.17 25.50 -2.34
CA LEU A 439 42.30 25.17 -3.48
C LEU A 439 41.91 23.69 -3.52
N GLY A 440 42.81 22.80 -3.06
CA GLY A 440 42.56 21.37 -3.07
C GLY A 440 41.97 20.83 -1.77
N LYS A 441 41.61 21.73 -0.83
CA LYS A 441 41.06 21.26 0.44
C LYS A 441 39.53 21.08 0.28
N ALA A 442 39.03 19.84 0.51
CA ALA A 442 37.59 19.58 0.43
C ALA A 442 36.78 20.37 1.44
N LEU A 443 35.66 20.94 1.00
CA LEU A 443 34.77 21.73 1.84
C LEU A 443 33.38 21.16 1.76
N ASP A 444 32.63 21.30 2.83
CA ASP A 444 31.26 20.80 2.78
C ASP A 444 30.29 21.83 2.22
N CYS A 445 29.34 21.36 1.39
CA CYS A 445 28.28 22.21 0.87
C CYS A 445 27.03 21.34 0.76
N GLN A 446 25.90 21.96 0.43
CA GLN A 446 24.65 21.22 0.35
C GLN A 446 24.01 21.38 -1.00
N ILE A 447 23.50 20.24 -1.53
CA ILE A 447 22.81 20.20 -2.81
C ILE A 447 21.49 19.48 -2.55
N TYR A 448 20.38 20.20 -2.73
CA TYR A 448 19.04 19.62 -2.44
C TYR A 448 18.98 19.03 -1.02
N GLY A 449 19.65 19.71 -0.09
CA GLY A 449 19.61 19.33 1.32
C GLY A 449 20.61 18.30 1.78
N ALA A 450 21.23 17.54 0.86
CA ALA A 450 22.24 16.55 1.21
C ALA A 450 23.62 17.21 1.25
N CYS A 451 24.46 16.75 2.15
N CYS A 451 24.47 16.72 2.14
CA CYS A 451 25.81 17.28 2.35
CA CYS A 451 25.82 17.27 2.30
C CYS A 451 26.82 16.57 1.44
C CYS A 451 26.84 16.57 1.43
N TYR A 452 27.70 17.36 0.79
CA TYR A 452 28.76 16.83 -0.08
C TYR A 452 30.08 17.45 0.31
N SER A 453 31.17 16.70 0.20
CA SER A 453 32.51 17.24 0.47
C SER A 453 33.16 17.42 -0.91
N ILE A 454 33.45 18.67 -1.29
CA ILE A 454 33.93 18.97 -2.63
C ILE A 454 35.20 19.83 -2.61
N GLU A 455 36.15 19.48 -3.47
CA GLU A 455 37.33 20.32 -3.59
C GLU A 455 37.05 21.41 -4.63
N PRO A 456 37.35 22.67 -4.29
CA PRO A 456 37.17 23.76 -5.27
C PRO A 456 37.87 23.48 -6.62
N LEU A 457 39.05 22.80 -6.60
CA LEU A 457 39.72 22.49 -7.89
C LEU A 457 38.93 21.56 -8.84
N ASP A 458 37.88 20.87 -8.32
CA ASP A 458 37.06 19.98 -9.16
C ASP A 458 35.87 20.73 -9.75
N LEU A 459 35.71 22.04 -9.43
CA LEU A 459 34.59 22.78 -9.98
C LEU A 459 34.43 22.76 -11.50
N PRO A 460 35.51 22.90 -12.34
CA PRO A 460 35.28 22.93 -13.78
C PRO A 460 34.52 21.71 -14.32
N GLN A 461 34.95 20.50 -13.91
CA GLN A 461 34.26 19.30 -14.42
C GLN A 461 32.86 19.15 -13.84
N ILE A 462 32.66 19.55 -12.57
CA ILE A 462 31.34 19.53 -11.97
C ILE A 462 30.40 20.45 -12.76
N ILE A 463 30.86 21.71 -12.99
CA ILE A 463 30.06 22.65 -13.73
C ILE A 463 29.75 22.18 -15.15
N GLU A 464 30.75 21.62 -15.85
CA GLU A 464 30.57 21.11 -17.20
C GLU A 464 29.48 20.02 -17.19
N ARG A 465 29.57 19.09 -16.24
CA ARG A 465 28.56 18.02 -16.19
C ARG A 465 27.17 18.53 -15.92
N LEU A 466 27.04 19.50 -14.99
CA LEU A 466 25.73 20.03 -14.61
C LEU A 466 25.15 20.95 -15.66
N HIS A 467 25.93 21.91 -16.16
CA HIS A 467 25.41 23.01 -16.95
C HIS A 467 25.85 23.00 -18.42
N GLY A 468 26.86 22.21 -18.76
CA GLY A 468 27.43 22.19 -20.10
C GLY A 468 28.56 23.20 -20.20
N LEU A 469 29.36 23.12 -21.25
CA LEU A 469 30.46 24.06 -21.48
C LEU A 469 29.97 25.48 -21.65
N SER A 470 28.68 25.67 -22.04
CA SER A 470 28.18 27.03 -22.20
C SER A 470 28.24 27.83 -20.91
N ALA A 471 28.28 27.15 -19.72
CA ALA A 471 28.41 27.87 -18.45
C ALA A 471 29.69 28.70 -18.39
N PHE A 472 30.69 28.38 -19.25
CA PHE A 472 31.96 29.10 -19.25
C PHE A 472 32.05 30.09 -20.40
N THR A 473 30.98 30.23 -21.21
CA THR A 473 31.00 31.10 -22.39
C THR A 473 29.86 32.12 -22.42
N LEU A 474 28.91 32.06 -21.47
CA LEU A 474 27.78 33.01 -21.54
C LEU A 474 28.22 34.44 -21.50
N HIS A 475 27.54 35.26 -22.29
CA HIS A 475 27.78 36.70 -22.34
C HIS A 475 26.48 37.33 -22.79
N SER A 476 26.44 38.66 -22.88
CA SER A 476 25.21 39.38 -23.30
C SER A 476 24.03 38.95 -22.41
N TYR A 477 24.24 39.13 -21.10
CA TYR A 477 23.25 38.84 -20.08
C TYR A 477 22.14 39.87 -20.25
N SER A 478 20.93 39.54 -19.75
CA SER A 478 19.79 40.46 -19.93
C SER A 478 19.98 41.76 -19.16
N PRO A 479 19.50 42.90 -19.70
CA PRO A 479 19.67 44.16 -18.95
C PRO A 479 19.03 44.14 -17.56
N GLY A 480 17.90 43.44 -17.44
CA GLY A 480 17.21 43.25 -16.15
C GLY A 480 18.08 42.51 -15.14
N GLU A 481 18.75 41.46 -15.60
CA GLU A 481 19.62 40.68 -14.72
C GLU A 481 20.84 41.51 -14.30
N ILE A 482 21.48 42.20 -15.25
CA ILE A 482 22.63 43.05 -14.95
C ILE A 482 22.22 44.12 -13.93
N ASN A 483 21.07 44.78 -14.16
CA ASN A 483 20.60 45.83 -13.25
C ASN A 483 20.35 45.28 -11.85
N ARG A 484 19.75 44.07 -11.73
CA ARG A 484 19.49 43.49 -10.43
C ARG A 484 20.81 43.25 -9.70
N VAL A 485 21.82 42.68 -10.39
CA VAL A 485 23.09 42.44 -9.73
C VAL A 485 23.74 43.78 -9.31
N ALA A 486 23.90 44.71 -10.25
CA ALA A 486 24.54 45.98 -9.96
C ALA A 486 23.86 46.73 -8.80
N SER A 487 22.52 46.73 -8.75
CA SER A 487 21.76 47.37 -7.67
C SER A 487 22.04 46.69 -6.33
N CYS A 488 22.07 45.34 -6.34
CA CYS A 488 22.39 44.60 -5.14
C CYS A 488 23.80 44.98 -4.63
N LEU A 489 24.78 45.13 -5.54
CA LEU A 489 26.15 45.47 -5.11
C LEU A 489 26.18 46.84 -4.45
N ARG A 490 25.45 47.80 -5.01
CA ARG A 490 25.43 49.14 -4.39
C ARG A 490 24.80 49.08 -3.00
N LYS A 491 23.69 48.32 -2.88
CA LYS A 491 22.95 48.17 -1.63
C LYS A 491 23.83 47.58 -0.52
N LEU A 492 24.59 46.52 -0.85
CA LEU A 492 25.41 45.83 0.13
C LEU A 492 26.83 46.40 0.28
N GLY A 493 27.20 47.34 -0.58
CA GLY A 493 28.56 47.88 -0.55
C GLY A 493 29.56 46.85 -1.08
N VAL A 494 29.14 46.12 -2.13
CA VAL A 494 30.06 45.16 -2.77
C VAL A 494 30.78 45.97 -3.87
N PRO A 495 32.10 45.82 -4.05
CA PRO A 495 32.80 46.51 -5.16
C PRO A 495 32.11 46.25 -6.51
N PRO A 496 32.16 47.23 -7.44
CA PRO A 496 31.48 47.07 -8.74
C PRO A 496 32.11 46.00 -9.62
N LEU A 497 31.34 45.55 -10.61
CA LEU A 497 31.77 44.50 -11.53
C LEU A 497 33.14 44.76 -12.18
N ARG A 498 33.49 46.06 -12.50
CA ARG A 498 34.85 46.36 -13.04
C ARG A 498 35.96 45.91 -12.10
N THR A 499 35.75 46.03 -10.76
CA THR A 499 36.73 45.65 -9.77
C THR A 499 36.87 44.13 -9.78
N TRP A 500 35.73 43.43 -9.88
CA TRP A 500 35.70 41.96 -9.97
C TRP A 500 36.44 41.45 -11.19
N ARG A 501 36.26 42.11 -12.34
CA ARG A 501 37.00 41.73 -13.56
C ARG A 501 38.51 41.88 -13.31
N HIS A 502 38.90 43.00 -12.69
N HIS A 502 38.96 42.97 -12.64
CA HIS A 502 40.30 43.22 -12.40
CA HIS A 502 40.41 43.13 -12.35
C HIS A 502 40.90 42.12 -11.47
C HIS A 502 40.94 42.04 -11.45
N ARG A 503 40.19 41.77 -10.38
CA ARG A 503 40.60 40.74 -9.43
C ARG A 503 40.62 39.38 -10.13
N ALA A 504 39.66 39.13 -11.05
CA ALA A 504 39.61 37.84 -11.75
C ALA A 504 40.80 37.66 -12.67
N ARG A 505 41.21 38.74 -13.36
CA ARG A 505 42.37 38.64 -14.26
C ARG A 505 43.62 38.28 -13.46
N SER A 506 43.73 38.83 -12.24
CA SER A 506 44.85 38.54 -11.37
C SER A 506 44.86 37.08 -10.91
N VAL A 507 43.75 36.60 -10.36
CA VAL A 507 43.75 35.20 -9.86
C VAL A 507 43.88 34.21 -11.03
N ARG A 508 43.28 34.54 -12.19
CA ARG A 508 43.35 33.73 -13.42
C ARG A 508 44.84 33.51 -13.78
N ALA A 509 45.63 34.59 -13.81
CA ALA A 509 47.07 34.49 -14.13
C ALA A 509 47.79 33.58 -13.16
N LYS A 510 47.50 33.69 -11.86
CA LYS A 510 48.12 32.87 -10.83
C LYS A 510 47.74 31.40 -11.00
N LEU A 511 46.43 31.13 -11.26
CA LEU A 511 45.97 29.76 -11.48
C LEU A 511 46.65 29.14 -12.67
N LEU A 512 46.75 29.86 -13.79
CA LEU A 512 47.39 29.34 -14.99
C LEU A 512 48.85 29.02 -14.73
N SER A 513 49.52 29.84 -13.89
CA SER A 513 50.95 29.67 -13.58
C SER A 513 51.23 28.41 -12.76
N GLN A 514 50.23 27.90 -12.04
CA GLN A 514 50.40 26.69 -11.23
C GLN A 514 50.30 25.38 -12.03
N GLY A 515 49.74 25.43 -13.25
CA GLY A 515 49.52 24.24 -14.05
C GLY A 515 48.47 23.34 -13.39
N GLY A 516 48.42 22.08 -13.82
CA GLY A 516 47.51 21.08 -13.26
C GLY A 516 46.04 21.49 -13.18
N ARG A 517 45.36 21.07 -12.09
CA ARG A 517 43.93 21.41 -11.89
C ARG A 517 43.74 22.89 -11.74
N ALA A 518 44.69 23.60 -11.06
CA ALA A 518 44.55 25.06 -10.94
C ALA A 518 44.49 25.74 -12.31
N ALA A 519 45.35 25.32 -13.26
CA ALA A 519 45.33 25.90 -14.61
C ALA A 519 44.01 25.62 -15.33
N ILE A 520 43.38 24.46 -15.05
CA ILE A 520 42.09 24.15 -15.67
C ILE A 520 41.05 25.14 -15.10
N CYS A 521 41.14 25.45 -13.79
CA CYS A 521 40.25 26.47 -13.20
C CYS A 521 40.49 27.81 -13.86
N GLY A 522 41.76 28.18 -14.03
CA GLY A 522 42.04 29.46 -14.68
C GLY A 522 41.45 29.55 -16.07
N ARG A 523 41.64 28.47 -16.88
CA ARG A 523 41.18 28.45 -18.26
C ARG A 523 39.64 28.49 -18.37
N TYR A 524 38.96 27.61 -17.66
CA TYR A 524 37.52 27.51 -17.81
C TYR A 524 36.75 28.50 -16.98
N LEU A 525 37.04 28.62 -15.69
CA LEU A 525 36.22 29.48 -14.82
C LEU A 525 36.39 30.95 -15.11
N PHE A 526 37.55 31.36 -15.63
CA PHE A 526 37.85 32.79 -15.80
C PHE A 526 38.10 33.23 -17.24
N ASN A 527 37.65 32.45 -18.22
CA ASN A 527 37.80 32.84 -19.63
C ASN A 527 37.00 34.10 -19.92
N TRP A 528 35.93 34.35 -19.12
CA TRP A 528 35.09 35.54 -19.29
C TRP A 528 35.87 36.85 -19.04
N ALA A 529 36.94 36.77 -18.26
CA ALA A 529 37.72 37.92 -17.78
C ALA A 529 38.75 38.44 -18.79
N VAL A 530 38.95 37.74 -19.91
CA VAL A 530 39.96 38.16 -20.90
C VAL A 530 39.37 38.27 -22.31
N ARG A 531 39.99 39.11 -23.15
CA ARG A 531 39.58 39.18 -24.55
C ARG A 531 40.19 38.03 -25.34
N THR A 532 41.42 37.63 -24.98
CA THR A 532 42.15 36.55 -25.67
C THR A 532 41.69 35.22 -25.05
N LYS A 533 40.56 34.74 -25.55
CA LYS A 533 39.92 33.50 -25.04
C LYS A 533 40.77 32.27 -25.28
N LEU A 534 40.85 31.39 -24.28
CA LEU A 534 41.49 30.08 -24.43
C LEU A 534 40.43 29.11 -24.96
N LYS A 535 40.90 28.10 -25.70
CA LYS A 535 40.00 27.09 -26.30
C LYS A 535 39.45 26.20 -25.20
N LEU A 536 38.12 26.06 -25.16
CA LEU A 536 37.46 25.24 -24.15
C LEU A 536 36.91 23.96 -24.77
N THR A 537 37.50 22.86 -24.42
CA THR A 537 37.09 21.54 -24.93
C THR A 537 36.52 20.73 -23.77
N PRO A 538 35.80 19.60 -24.02
CA PRO A 538 35.30 18.81 -22.89
C PRO A 538 36.42 18.35 -21.96
N ILE A 539 36.19 18.51 -20.65
CA ILE A 539 37.22 18.14 -19.67
C ILE A 539 37.18 16.61 -19.47
N PRO A 540 38.31 15.87 -19.67
CA PRO A 540 38.23 14.41 -19.52
C PRO A 540 37.66 13.92 -18.19
N ALA A 541 37.99 14.61 -17.06
CA ALA A 541 37.47 14.28 -15.72
C ALA A 541 35.94 14.38 -15.63
N ALA A 542 35.29 15.21 -16.48
CA ALA A 542 33.82 15.38 -16.45
C ALA A 542 33.01 14.11 -16.74
N SER A 543 33.36 13.37 -17.79
CA SER A 543 32.65 12.12 -18.14
C SER A 543 32.82 11.03 -17.06
N GLN A 544 33.90 11.10 -16.27
CA GLN A 544 34.21 10.11 -15.23
C GLN A 544 33.55 10.41 -13.87
N LEU A 545 32.97 11.62 -13.69
CA LEU A 545 32.36 12.00 -12.41
C LEU A 545 31.15 11.15 -12.11
N ASP A 546 31.07 10.63 -10.86
CA ASP A 546 29.94 9.83 -10.42
C ASP A 546 29.00 10.80 -9.71
N LEU A 547 28.00 11.29 -10.44
CA LEU A 547 27.02 12.20 -9.88
C LEU A 547 25.72 11.49 -9.50
N SER A 548 25.84 10.16 -9.26
CA SER A 548 24.69 9.41 -8.79
C SER A 548 24.35 9.93 -7.39
N GLY A 549 23.08 10.12 -7.14
CA GLY A 549 22.63 10.65 -5.87
C GLY A 549 22.52 12.17 -5.84
N TRP A 550 23.10 12.90 -6.82
CA TRP A 550 23.03 14.38 -6.73
C TRP A 550 21.63 14.97 -6.98
N PHE A 551 20.98 14.50 -8.02
CA PHE A 551 19.66 15.04 -8.39
C PHE A 551 18.67 13.89 -8.50
N VAL A 552 18.42 13.27 -7.36
CA VAL A 552 17.49 12.17 -7.29
C VAL A 552 16.31 12.60 -6.39
N ALA A 553 16.61 13.12 -5.22
CA ALA A 553 15.58 13.49 -4.27
C ALA A 553 16.03 14.63 -3.36
N GLY A 554 15.08 15.22 -2.69
CA GLY A 554 15.36 16.27 -1.70
C GLY A 554 15.55 15.68 -0.33
N TYR A 555 16.51 16.20 0.45
CA TYR A 555 16.79 15.68 1.78
C TYR A 555 16.91 16.78 2.82
N SER A 556 16.40 18.00 2.53
CA SER A 556 16.56 19.08 3.52
C SER A 556 15.94 18.71 4.88
N GLY A 557 16.74 18.84 5.94
CA GLY A 557 16.36 18.49 7.31
C GLY A 557 16.53 17.01 7.64
N GLY A 558 16.91 16.23 6.63
CA GLY A 558 17.00 14.78 6.71
C GLY A 558 18.32 14.18 7.12
N ASP A 559 19.32 15.02 7.46
CA ASP A 559 20.58 14.53 8.01
C ASP A 559 21.29 13.54 7.06
N ILE A 560 21.36 13.90 5.77
CA ILE A 560 21.97 13.03 4.76
C ILE A 560 23.33 13.52 4.31
N TYR A 561 24.32 12.59 4.24
CA TYR A 561 25.67 12.90 3.73
C TYR A 561 25.84 11.98 2.51
N HIS A 562 26.27 12.55 1.38
CA HIS A 562 26.30 11.82 0.11
C HIS A 562 27.68 11.62 -0.49
N SER A 563 28.73 11.95 0.25
CA SER A 563 30.08 11.70 -0.24
C SER A 563 30.57 10.30 0.21
N LEU A 564 31.59 9.77 -0.46
CA LEU A 564 32.17 8.44 -0.23
C LEU A 564 32.72 8.22 1.18
N SER A 565 32.46 7.02 1.73
CA SER A 565 32.97 6.61 3.04
C SER A 565 34.30 5.89 2.78
N ARG A 566 35.33 6.20 3.58
CA ARG A 566 36.64 5.54 3.45
C ARG A 566 36.53 4.13 4.03
N ALA A 567 37.24 3.14 3.42
CA ALA A 567 37.25 1.75 3.89
C ALA A 567 37.86 1.60 5.30
N ARG A 568 37.66 0.44 5.96
CA ARG A 568 38.21 0.19 7.29
C ARG A 568 38.74 -1.24 7.42
N SER B 1 10.73 -23.41 4.15
CA SER B 1 10.51 -23.88 5.51
C SER B 1 9.43 -24.98 5.54
N MET B 2 9.39 -25.75 6.63
CA MET B 2 8.39 -26.81 6.77
C MET B 2 7.04 -26.18 7.05
N SER B 3 5.99 -26.64 6.36
CA SER B 3 4.62 -26.14 6.56
C SER B 3 4.20 -26.38 8.03
N TYR B 4 4.62 -27.53 8.62
CA TYR B 4 4.38 -27.85 10.02
C TYR B 4 5.59 -28.56 10.62
N THR B 5 5.77 -28.37 11.92
CA THR B 5 6.72 -29.10 12.78
C THR B 5 5.82 -29.72 13.85
N TRP B 6 6.07 -30.98 14.21
CA TRP B 6 5.21 -31.65 15.18
C TRP B 6 6.05 -32.11 16.39
N THR B 7 5.44 -32.09 17.56
CA THR B 7 6.12 -32.48 18.82
C THR B 7 5.95 -33.96 19.12
N GLY B 8 4.89 -34.55 18.58
CA GLY B 8 4.54 -35.94 18.90
C GLY B 8 3.25 -35.99 19.69
N ALA B 9 2.80 -34.82 20.29
CA ALA B 9 1.51 -34.77 20.99
C ALA B 9 0.40 -35.01 19.94
N LEU B 10 -0.66 -35.73 20.30
CA LEU B 10 -1.68 -36.08 19.33
C LEU B 10 -2.70 -34.97 19.05
N ILE B 11 -3.37 -35.03 17.88
CA ILE B 11 -4.51 -34.15 17.60
C ILE B 11 -5.65 -34.88 18.29
N THR B 12 -6.14 -34.33 19.37
CA THR B 12 -7.12 -34.96 20.24
C THR B 12 -8.57 -34.49 20.04
N PRO B 13 -9.56 -35.39 20.26
CA PRO B 13 -10.96 -34.94 20.20
C PRO B 13 -11.34 -34.20 21.49
N CYS B 14 -12.44 -33.45 21.49
CA CYS B 14 -12.88 -32.74 22.70
C CYS B 14 -14.12 -33.41 23.32
N ALA B 15 -14.67 -34.41 22.61
CA ALA B 15 -15.85 -35.20 22.96
C ALA B 15 -15.83 -36.49 22.12
N ALA B 16 -16.70 -37.47 22.46
CA ALA B 16 -16.81 -38.73 21.71
C ALA B 16 -17.08 -38.44 20.23
N GLU B 17 -16.43 -39.20 19.33
CA GLU B 17 -16.56 -38.98 17.88
C GLU B 17 -17.29 -40.13 17.21
N GLU B 18 -18.33 -39.81 16.43
CA GLU B 18 -19.12 -40.79 15.67
C GLU B 18 -18.52 -40.93 14.26
N SER B 19 -18.33 -42.18 13.80
CA SER B 19 -17.72 -42.46 12.49
C SER B 19 -18.65 -43.24 11.57
N LYS B 20 -19.72 -43.82 12.14
CA LYS B 20 -20.64 -44.66 11.39
C LYS B 20 -22.07 -44.21 11.60
N LEU B 21 -22.95 -44.58 10.66
CA LEU B 21 -24.38 -44.32 10.77
C LEU B 21 -24.91 -45.13 11.95
N PRO B 22 -25.85 -44.60 12.77
CA PRO B 22 -26.34 -45.40 13.90
C PRO B 22 -27.17 -46.59 13.42
N ILE B 23 -27.18 -47.68 14.22
CA ILE B 23 -27.96 -48.88 13.90
C ILE B 23 -29.41 -48.49 14.29
N ASN B 24 -30.08 -47.75 13.37
CA ASN B 24 -31.39 -47.14 13.52
C ASN B 24 -32.24 -47.20 12.24
N PRO B 25 -33.59 -47.19 12.35
CA PRO B 25 -34.42 -47.21 11.12
C PRO B 25 -34.49 -45.88 10.36
N LEU B 26 -34.16 -44.75 11.03
CA LEU B 26 -34.18 -43.43 10.40
C LEU B 26 -32.96 -43.26 9.49
N SER B 27 -33.20 -42.81 8.24
CA SER B 27 -32.28 -42.60 7.10
C SER B 27 -32.20 -43.81 6.16
N ASN B 28 -32.76 -44.97 6.59
CA ASN B 28 -32.79 -46.21 5.81
C ASN B 28 -33.74 -46.09 4.62
N SER B 29 -34.77 -45.22 4.75
CA SER B 29 -35.76 -44.88 3.72
C SER B 29 -35.08 -44.03 2.62
N LEU B 30 -33.95 -43.37 2.97
CA LEU B 30 -33.18 -42.59 2.01
C LEU B 30 -32.06 -43.43 1.39
N LEU B 31 -31.29 -44.15 2.22
CA LEU B 31 -30.10 -44.90 1.82
C LEU B 31 -30.04 -46.28 2.48
N ARG B 32 -29.80 -47.36 1.70
CA ARG B 32 -29.73 -48.73 2.24
C ARG B 32 -28.31 -49.16 2.58
N HIS B 33 -27.30 -48.76 1.78
CA HIS B 33 -25.92 -49.20 1.99
C HIS B 33 -25.22 -48.34 3.05
N HIS B 34 -25.70 -48.46 4.30
CA HIS B 34 -25.22 -47.74 5.48
C HIS B 34 -23.72 -47.84 5.73
N ASN B 35 -23.12 -49.02 5.44
CA ASN B 35 -21.68 -49.27 5.63
C ASN B 35 -20.79 -48.47 4.68
N MET B 36 -21.40 -47.87 3.64
CA MET B 36 -20.67 -47.06 2.66
C MET B 36 -20.47 -45.63 3.14
N VAL B 37 -21.24 -45.22 4.17
CA VAL B 37 -21.22 -43.84 4.70
C VAL B 37 -20.35 -43.77 5.97
N TYR B 38 -19.37 -42.84 5.98
CA TYR B 38 -18.50 -42.66 7.14
C TYR B 38 -18.28 -41.20 7.46
N ALA B 39 -17.86 -40.95 8.69
CA ALA B 39 -17.48 -39.59 9.14
C ALA B 39 -16.02 -39.67 9.56
N THR B 40 -15.23 -38.67 9.17
CA THR B 40 -13.82 -38.60 9.56
C THR B 40 -13.75 -38.28 11.06
N THR B 41 -12.68 -38.77 11.73
CA THR B 41 -12.45 -38.54 13.15
C THR B 41 -10.96 -38.24 13.36
N SER B 42 -10.59 -37.92 14.61
CA SER B 42 -9.19 -37.68 14.98
C SER B 42 -8.29 -38.90 14.78
N ARG B 43 -8.89 -40.10 14.62
CA ARG B 43 -8.10 -41.32 14.45
C ARG B 43 -7.28 -41.37 13.18
N SER B 44 -7.70 -40.61 12.14
CA SER B 44 -6.97 -40.53 10.87
C SER B 44 -6.11 -39.23 10.80
N ALA B 45 -6.03 -38.45 11.89
CA ALA B 45 -5.24 -37.20 11.86
C ALA B 45 -3.78 -37.39 11.42
N SER B 46 -3.11 -38.51 11.86
CA SER B 46 -1.72 -38.82 11.50
C SER B 46 -1.53 -38.93 9.99
N LEU B 47 -2.51 -39.53 9.27
CA LEU B 47 -2.45 -39.67 7.82
C LEU B 47 -2.56 -38.30 7.15
N ARG B 48 -3.38 -37.40 7.72
CA ARG B 48 -3.48 -36.03 7.18
C ARG B 48 -2.19 -35.26 7.46
N GLN B 49 -1.62 -35.43 8.67
CA GLN B 49 -0.36 -34.75 8.97
C GLN B 49 0.73 -35.07 7.95
N LYS B 50 0.80 -36.34 7.49
CA LYS B 50 1.81 -36.73 6.50
C LYS B 50 1.59 -36.05 5.15
N LYS B 51 0.32 -35.86 4.77
CA LYS B 51 0.02 -35.19 3.51
C LYS B 51 0.32 -33.71 3.58
N VAL B 52 0.05 -33.09 4.75
CA VAL B 52 0.19 -31.62 4.89
C VAL B 52 1.56 -31.09 5.27
N THR B 53 2.48 -31.99 5.69
CA THR B 53 3.79 -31.60 6.17
C THR B 53 4.85 -31.77 5.08
N PHE B 54 5.37 -30.65 4.57
CA PHE B 54 6.43 -30.65 3.55
C PHE B 54 7.19 -29.35 3.53
N ASP B 55 8.40 -29.37 2.93
CA ASP B 55 9.17 -28.14 2.80
C ASP B 55 8.60 -27.42 1.57
N ARG B 56 8.57 -26.10 1.61
CA ARG B 56 8.12 -25.36 0.44
C ARG B 56 9.32 -24.70 -0.15
N LEU B 57 9.51 -24.93 -1.42
CA LEU B 57 10.56 -24.31 -2.21
C LEU B 57 9.77 -23.39 -3.14
N GLN B 58 10.06 -22.12 -3.09
CA GLN B 58 9.32 -21.14 -3.88
C GLN B 58 10.31 -20.22 -4.55
N VAL B 59 10.13 -20.01 -5.84
CA VAL B 59 10.97 -19.13 -6.65
C VAL B 59 10.07 -18.15 -7.37
N LEU B 60 10.27 -16.85 -7.09
CA LEU B 60 9.47 -15.79 -7.70
C LEU B 60 10.18 -15.14 -8.86
N ASP B 61 9.44 -14.78 -9.89
CA ASP B 61 10.03 -14.20 -11.10
C ASP B 61 9.37 -12.88 -11.48
N ASP B 62 9.80 -12.29 -12.62
CA ASP B 62 9.26 -11.03 -13.11
C ASP B 62 7.77 -11.08 -13.37
N HIS B 63 7.24 -12.20 -13.94
CA HIS B 63 5.80 -12.28 -14.19
C HIS B 63 5.00 -12.13 -12.88
N TYR B 64 5.45 -12.81 -11.83
CA TYR B 64 4.82 -12.76 -10.49
C TYR B 64 4.87 -11.31 -9.99
N ARG B 65 6.05 -10.67 -10.01
CA ARG B 65 6.18 -9.29 -9.57
C ARG B 65 5.29 -8.30 -10.34
N ASP B 66 5.17 -8.47 -11.69
CA ASP B 66 4.34 -7.61 -12.53
C ASP B 66 2.87 -7.73 -12.13
N VAL B 67 2.39 -8.97 -11.96
CA VAL B 67 1.00 -9.20 -11.60
C VAL B 67 0.73 -8.64 -10.22
N LEU B 68 1.67 -8.85 -9.27
CA LEU B 68 1.47 -8.31 -7.93
C LEU B 68 1.28 -6.78 -7.97
N LYS B 69 2.12 -6.08 -8.72
CA LYS B 69 1.99 -4.62 -8.80
C LYS B 69 0.66 -4.22 -9.43
N GLU B 70 0.19 -4.98 -10.45
CA GLU B 70 -1.10 -4.70 -11.07
C GLU B 70 -2.24 -4.85 -10.03
N MET B 71 -2.13 -5.89 -9.18
CA MET B 71 -3.12 -6.13 -8.14
C MET B 71 -3.09 -5.02 -7.07
N LYS B 72 -1.90 -4.60 -6.67
CA LYS B 72 -1.77 -3.56 -5.65
C LYS B 72 -2.31 -2.22 -6.15
N ALA B 73 -2.16 -1.91 -7.47
CA ALA B 73 -2.68 -0.64 -8.01
C ALA B 73 -4.20 -0.64 -7.89
N LYS B 74 -4.84 -1.80 -8.07
CA LYS B 74 -6.29 -1.88 -7.89
C LYS B 74 -6.68 -1.83 -6.41
N ALA B 75 -5.90 -2.50 -5.54
CA ALA B 75 -6.17 -2.49 -4.09
C ALA B 75 -6.11 -1.06 -3.53
N SER B 76 -5.24 -0.20 -4.13
N SER B 76 -5.23 -0.21 -4.10
CA SER B 76 -5.03 1.20 -3.73
CA SER B 76 -5.03 1.17 -3.66
C SER B 76 -6.30 2.06 -3.83
C SER B 76 -6.30 2.05 -3.80
N THR B 77 -7.33 1.60 -4.55
CA THR B 77 -8.59 2.35 -4.71
C THR B 77 -9.54 2.10 -3.52
N VAL B 78 -9.24 1.10 -2.67
CA VAL B 78 -10.14 0.71 -1.58
C VAL B 78 -9.99 1.56 -0.31
N LYS B 79 -11.14 1.92 0.31
CA LYS B 79 -11.14 2.57 1.60
C LYS B 79 -11.91 1.59 2.52
N ALA B 80 -11.24 1.04 3.52
CA ALA B 80 -11.86 0.05 4.39
C ALA B 80 -12.20 0.65 5.73
N LYS B 81 -13.35 0.24 6.27
CA LYS B 81 -13.75 0.77 7.55
C LYS B 81 -13.40 -0.19 8.68
N LEU B 82 -13.15 0.37 9.85
CA LEU B 82 -12.96 -0.41 11.06
C LEU B 82 -14.37 -0.70 11.60
N LEU B 83 -14.69 -1.97 11.86
CA LEU B 83 -16.00 -2.31 12.44
C LEU B 83 -16.00 -1.97 13.94
N SER B 84 -17.17 -1.56 14.47
CA SER B 84 -17.26 -1.34 15.92
C SER B 84 -17.31 -2.72 16.60
N ILE B 85 -17.13 -2.75 17.93
CA ILE B 85 -17.25 -3.99 18.67
C ILE B 85 -18.65 -4.56 18.42
N GLU B 86 -19.72 -3.73 18.48
CA GLU B 86 -21.07 -4.27 18.28
C GLU B 86 -21.30 -4.93 16.91
N GLU B 87 -20.80 -4.30 15.84
CA GLU B 87 -20.91 -4.85 14.49
C GLU B 87 -20.19 -6.20 14.39
N ALA B 88 -18.97 -6.30 14.97
CA ALA B 88 -18.20 -7.54 14.91
C ALA B 88 -18.87 -8.66 15.73
N CYS B 89 -19.44 -8.31 16.89
CA CYS B 89 -20.15 -9.28 17.74
C CYS B 89 -21.38 -9.85 17.01
N LYS B 90 -22.08 -9.01 16.27
CA LYS B 90 -23.29 -9.41 15.52
C LYS B 90 -22.94 -10.36 14.37
N LEU B 91 -21.69 -10.36 13.89
CA LEU B 91 -21.29 -11.30 12.81
C LEU B 91 -20.86 -12.67 13.39
N THR B 92 -20.86 -12.82 14.73
CA THR B 92 -20.40 -14.05 15.33
C THR B 92 -21.55 -15.09 15.30
N PRO B 93 -21.30 -16.29 14.75
CA PRO B 93 -22.35 -17.34 14.77
C PRO B 93 -22.75 -17.69 16.22
N PRO B 94 -24.07 -17.86 16.48
CA PRO B 94 -24.52 -18.25 17.83
C PRO B 94 -23.86 -19.48 18.47
N HIS B 95 -23.35 -20.42 17.64
CA HIS B 95 -22.70 -21.64 18.12
C HIS B 95 -21.20 -21.65 17.90
N SER B 96 -20.62 -20.46 17.65
CA SER B 96 -19.18 -20.35 17.49
C SER B 96 -18.46 -20.90 18.73
N ALA B 97 -17.25 -21.50 18.54
CA ALA B 97 -16.48 -22.12 19.63
C ALA B 97 -16.26 -21.12 20.77
N LYS B 98 -16.62 -21.54 22.01
CA LYS B 98 -16.45 -20.64 23.16
C LYS B 98 -14.99 -20.22 23.37
N SER B 99 -14.82 -19.11 24.08
CA SER B 99 -13.49 -18.65 24.40
C SER B 99 -12.92 -19.46 25.56
N LYS B 100 -11.60 -19.55 25.66
CA LYS B 100 -11.01 -20.17 26.84
C LYS B 100 -11.11 -19.18 28.03
N PHE B 101 -11.54 -17.92 27.78
CA PHE B 101 -11.63 -16.87 28.81
C PHE B 101 -12.97 -16.75 29.57
N GLY B 102 -13.77 -17.83 29.56
CA GLY B 102 -14.98 -17.92 30.35
C GLY B 102 -16.22 -17.24 29.82
N TYR B 103 -16.36 -17.19 28.49
CA TYR B 103 -17.56 -16.66 27.87
C TYR B 103 -17.68 -17.36 26.52
N GLY B 104 -18.86 -17.35 25.95
CA GLY B 104 -19.09 -18.03 24.69
C GLY B 104 -19.69 -17.12 23.65
N ALA B 105 -20.12 -17.72 22.54
CA ALA B 105 -20.69 -16.97 21.44
C ALA B 105 -21.97 -16.23 21.80
N LYS B 106 -22.83 -16.82 22.66
CA LYS B 106 -24.07 -16.12 23.06
C LYS B 106 -23.73 -14.86 23.85
N ASP B 107 -22.65 -14.92 24.65
CA ASP B 107 -22.14 -13.78 25.42
C ASP B 107 -21.60 -12.69 24.50
N VAL B 108 -20.86 -13.08 23.44
CA VAL B 108 -20.36 -12.11 22.46
C VAL B 108 -21.56 -11.39 21.82
N ARG B 109 -22.53 -12.19 21.31
CA ARG B 109 -23.69 -11.62 20.64
C ARG B 109 -24.52 -10.71 21.54
N ASN B 110 -24.53 -10.99 22.86
CA ASN B 110 -25.23 -10.15 23.85
C ASN B 110 -24.38 -9.02 24.40
N LEU B 111 -23.12 -8.89 23.91
CA LEU B 111 -22.17 -7.88 24.38
C LEU B 111 -22.02 -7.92 25.92
N SER B 112 -21.87 -9.14 26.47
CA SER B 112 -21.70 -9.32 27.93
C SER B 112 -20.41 -8.61 28.36
N SER B 113 -20.38 -8.11 29.60
CA SER B 113 -19.19 -7.41 30.06
C SER B 113 -17.90 -8.25 29.96
N ARG B 114 -17.94 -9.53 30.32
CA ARG B 114 -16.75 -10.38 30.25
C ARG B 114 -16.29 -10.53 28.79
N ALA B 115 -17.23 -10.79 27.87
CA ALA B 115 -16.88 -10.93 26.44
C ALA B 115 -16.22 -9.62 25.96
N VAL B 116 -16.89 -8.49 26.18
CA VAL B 116 -16.37 -7.18 25.76
C VAL B 116 -15.02 -6.87 26.44
N ASN B 117 -14.86 -7.22 27.73
CA ASN B 117 -13.56 -6.97 28.38
C ASN B 117 -12.47 -7.74 27.66
N HIS B 118 -12.78 -8.99 27.24
CA HIS B 118 -11.76 -9.77 26.54
C HIS B 118 -11.47 -9.19 25.15
N ILE B 119 -12.52 -8.90 24.39
CA ILE B 119 -12.36 -8.34 23.03
C ILE B 119 -11.52 -7.07 23.11
N ARG B 120 -11.86 -6.13 24.02
CA ARG B 120 -10.98 -4.96 24.06
C ARG B 120 -9.58 -5.21 24.52
N SER B 121 -9.37 -6.17 25.42
CA SER B 121 -8.00 -6.53 25.87
C SER B 121 -7.18 -7.13 24.71
N VAL B 122 -7.84 -7.96 23.87
CA VAL B 122 -7.15 -8.54 22.72
C VAL B 122 -6.75 -7.43 21.73
N TRP B 123 -7.67 -6.51 21.48
CA TRP B 123 -7.43 -5.39 20.54
C TRP B 123 -6.26 -4.55 21.02
N GLU B 124 -6.25 -4.16 22.32
CA GLU B 124 -5.13 -3.38 22.87
C GLU B 124 -3.83 -4.16 22.77
N ASP B 125 -3.88 -5.52 22.97
CA ASP B 125 -2.66 -6.31 22.90
C ASP B 125 -2.11 -6.36 21.45
N LEU B 126 -3.00 -6.26 20.43
CA LEU B 126 -2.53 -6.21 19.04
C LEU B 126 -1.79 -4.91 18.81
N LEU B 127 -2.13 -3.85 19.57
CA LEU B 127 -1.41 -2.59 19.41
C LEU B 127 -0.13 -2.57 20.24
N GLU B 128 -0.13 -3.23 21.40
CA GLU B 128 1.00 -3.22 22.34
C GLU B 128 2.09 -4.24 22.02
N ASP B 129 1.72 -5.30 21.31
CA ASP B 129 2.65 -6.38 21.05
C ASP B 129 2.57 -6.72 19.55
N THR B 130 3.71 -6.53 18.88
CA THR B 130 3.75 -6.71 17.45
C THR B 130 4.33 -8.02 16.99
N GLU B 131 4.74 -8.87 17.92
CA GLU B 131 5.46 -10.08 17.52
C GLU B 131 5.16 -11.42 18.21
N THR B 132 4.60 -11.43 19.44
CA THR B 132 4.42 -12.71 20.15
C THR B 132 3.44 -13.60 19.38
N PRO B 133 3.83 -14.81 18.95
CA PRO B 133 2.86 -15.67 18.24
C PRO B 133 1.61 -15.89 19.07
N ILE B 134 0.45 -15.81 18.41
CA ILE B 134 -0.86 -15.99 19.03
C ILE B 134 -1.18 -17.49 19.05
N ASP B 135 -1.72 -17.97 20.17
CA ASP B 135 -2.04 -19.39 20.28
C ASP B 135 -3.17 -19.79 19.33
N THR B 136 -3.12 -21.03 18.84
CA THR B 136 -4.22 -21.55 18.02
C THR B 136 -4.51 -22.95 18.51
N THR B 137 -5.73 -23.38 18.28
CA THR B 137 -6.17 -24.76 18.58
C THR B 137 -6.19 -25.49 17.26
N ILE B 138 -5.71 -26.73 17.26
CA ILE B 138 -5.78 -27.60 16.10
C ILE B 138 -6.74 -28.74 16.46
N MET B 139 -7.68 -29.04 15.56
CA MET B 139 -8.66 -30.11 15.73
C MET B 139 -8.87 -30.83 14.39
N ALA B 140 -9.26 -32.12 14.47
CA ALA B 140 -9.61 -32.85 13.27
C ALA B 140 -11.08 -32.54 13.01
N LYS B 141 -11.41 -32.22 11.76
CA LYS B 141 -12.77 -31.90 11.37
C LYS B 141 -13.54 -33.22 11.15
N SER B 142 -14.81 -33.22 11.54
CA SER B 142 -15.71 -34.33 11.34
C SER B 142 -16.53 -34.04 10.06
N GLU B 143 -16.19 -34.73 8.96
CA GLU B 143 -16.93 -34.56 7.70
C GLU B 143 -17.39 -35.94 7.23
N VAL B 144 -18.55 -35.99 6.58
CA VAL B 144 -19.16 -37.26 6.12
C VAL B 144 -18.91 -37.48 4.63
N PHE B 145 -18.50 -38.70 4.27
CA PHE B 145 -18.27 -39.07 2.87
C PHE B 145 -18.77 -40.49 2.60
N CYS B 146 -18.76 -40.87 1.34
CA CYS B 146 -19.07 -42.22 0.89
C CYS B 146 -17.72 -42.85 0.56
N VAL B 147 -17.55 -44.12 0.93
CA VAL B 147 -16.32 -44.88 0.66
C VAL B 147 -15.93 -44.86 -0.83
N GLN B 148 -14.61 -44.98 -1.13
CA GLN B 148 -13.95 -44.97 -2.44
C GLN B 148 -14.84 -45.29 -3.66
N ARG B 154 -10.39 -44.51 2.37
CA ARG B 154 -11.05 -43.49 3.18
C ARG B 154 -10.26 -42.20 3.17
N LYS B 155 -10.96 -41.05 3.18
CA LYS B 155 -10.26 -39.76 3.25
C LYS B 155 -9.89 -39.52 4.72
N PRO B 156 -8.64 -39.11 5.00
CA PRO B 156 -8.28 -38.78 6.40
C PRO B 156 -8.97 -37.45 6.77
N ALA B 157 -9.22 -37.22 8.08
CA ALA B 157 -9.85 -35.96 8.54
C ALA B 157 -9.03 -34.77 8.10
N ARG B 158 -9.69 -33.66 7.79
CA ARG B 158 -9.02 -32.40 7.52
C ARG B 158 -8.72 -31.80 8.90
N LEU B 159 -7.69 -30.96 8.97
CA LEU B 159 -7.37 -30.33 10.25
C LEU B 159 -7.82 -28.89 10.17
N ILE B 160 -8.35 -28.38 11.27
CA ILE B 160 -8.82 -26.98 11.37
C ILE B 160 -7.93 -26.31 12.40
N VAL B 161 -7.45 -25.06 12.10
CA VAL B 161 -6.56 -24.32 13.01
C VAL B 161 -7.20 -22.99 13.21
N PHE B 162 -7.46 -22.62 14.48
CA PHE B 162 -8.17 -21.37 14.74
C PHE B 162 -7.74 -20.74 16.05
N PRO B 163 -7.81 -19.39 16.12
CA PRO B 163 -7.45 -18.70 17.36
C PRO B 163 -8.69 -18.57 18.24
N ASP B 164 -8.49 -18.02 19.46
CA ASP B 164 -9.58 -17.85 20.44
C ASP B 164 -10.68 -16.93 19.93
N LEU B 165 -11.93 -17.18 20.37
CA LEU B 165 -13.09 -16.33 20.05
C LEU B 165 -12.78 -14.83 20.17
N GLY B 166 -12.06 -14.41 21.23
CA GLY B 166 -11.75 -12.98 21.40
C GLY B 166 -10.91 -12.43 20.24
N VAL B 167 -9.99 -13.24 19.75
CA VAL B 167 -9.15 -12.90 18.59
C VAL B 167 -10.02 -12.85 17.31
N ARG B 168 -10.92 -13.85 17.14
CA ARG B 168 -11.79 -13.85 15.95
C ARG B 168 -12.64 -12.56 15.84
N VAL B 169 -13.18 -12.06 16.98
CA VAL B 169 -13.94 -10.80 16.97
C VAL B 169 -13.04 -9.63 16.53
N CYS B 170 -11.80 -9.60 17.06
CA CYS B 170 -10.83 -8.56 16.63
C CYS B 170 -10.48 -8.66 15.16
N GLU B 171 -10.33 -9.89 14.63
CA GLU B 171 -10.11 -10.04 13.17
C GLU B 171 -11.25 -9.35 12.38
N LYS B 172 -12.51 -9.54 12.81
CA LYS B 172 -13.63 -8.92 12.14
C LYS B 172 -13.49 -7.39 12.19
N MET B 173 -13.17 -6.84 13.37
CA MET B 173 -13.08 -5.37 13.45
C MET B 173 -12.04 -4.81 12.48
N ALA B 174 -10.85 -5.46 12.40
CA ALA B 174 -9.79 -4.92 11.54
C ALA B 174 -9.99 -5.21 10.05
N LEU B 175 -10.54 -6.41 9.74
CA LEU B 175 -10.49 -6.97 8.40
C LEU B 175 -11.80 -7.38 7.74
N TYR B 176 -12.95 -7.37 8.45
CA TYR B 176 -14.16 -7.82 7.76
C TYR B 176 -14.44 -6.97 6.49
N ASP B 177 -14.33 -5.65 6.58
CA ASP B 177 -14.58 -4.83 5.38
C ASP B 177 -13.55 -5.09 4.28
N VAL B 178 -12.26 -5.25 4.65
CA VAL B 178 -11.21 -5.57 3.69
C VAL B 178 -11.54 -6.88 2.95
N VAL B 179 -11.81 -7.95 3.70
CA VAL B 179 -12.02 -9.26 3.05
C VAL B 179 -13.33 -9.35 2.25
N SER B 180 -14.25 -8.44 2.53
CA SER B 180 -15.55 -8.38 1.88
C SER B 180 -15.50 -7.56 0.61
N THR B 181 -14.60 -6.55 0.54
CA THR B 181 -14.60 -5.62 -0.61
C THR B 181 -13.34 -5.67 -1.47
N LEU B 182 -12.19 -5.93 -0.87
CA LEU B 182 -10.95 -5.93 -1.64
C LEU B 182 -10.86 -7.00 -2.77
N PRO B 183 -11.33 -8.25 -2.58
CA PRO B 183 -11.18 -9.22 -3.68
C PRO B 183 -11.81 -8.76 -5.00
N GLN B 184 -13.04 -8.22 -4.95
CA GLN B 184 -13.68 -7.78 -6.18
C GLN B 184 -12.97 -6.54 -6.74
N ALA B 185 -12.46 -5.68 -5.86
CA ALA B 185 -11.75 -4.48 -6.36
C ALA B 185 -10.49 -4.87 -7.12
N VAL B 186 -9.80 -5.93 -6.67
CA VAL B 186 -8.55 -6.37 -7.24
C VAL B 186 -8.74 -7.26 -8.48
N MET B 187 -9.66 -8.22 -8.38
CA MET B 187 -9.87 -9.27 -9.37
C MET B 187 -11.04 -9.08 -10.32
N GLY B 188 -11.91 -8.12 -10.01
CA GLY B 188 -13.06 -7.84 -10.86
C GLY B 188 -13.94 -9.06 -11.10
N SER B 189 -14.31 -9.28 -12.38
CA SER B 189 -15.19 -10.38 -12.74
C SER B 189 -14.61 -11.77 -12.44
N SER B 190 -13.29 -11.89 -12.18
CA SER B 190 -12.66 -13.18 -11.88
C SER B 190 -12.93 -13.65 -10.46
N TYR B 191 -13.43 -12.76 -9.59
CA TYR B 191 -13.68 -13.16 -8.20
C TYR B 191 -14.98 -13.95 -8.13
N GLY B 192 -14.89 -15.24 -7.84
CA GLY B 192 -16.06 -16.11 -7.91
C GLY B 192 -17.18 -15.90 -6.92
N PHE B 193 -16.87 -15.40 -5.71
CA PHE B 193 -17.88 -15.30 -4.65
C PHE B 193 -18.90 -14.18 -4.83
N GLN B 194 -18.70 -13.32 -5.86
CA GLN B 194 -19.68 -12.25 -6.11
C GLN B 194 -20.89 -12.80 -6.88
N TYR B 195 -20.86 -14.09 -7.29
CA TYR B 195 -21.91 -14.64 -8.14
C TYR B 195 -22.86 -15.59 -7.42
N SER B 196 -24.15 -15.44 -7.68
CA SER B 196 -25.13 -16.44 -7.26
C SER B 196 -24.90 -17.67 -8.25
N PRO B 197 -25.52 -18.84 -8.02
CA PRO B 197 -25.34 -19.95 -8.99
C PRO B 197 -25.74 -19.57 -10.44
N LYS B 198 -26.84 -18.85 -10.63
CA LYS B 198 -27.25 -18.45 -11.99
C LYS B 198 -26.25 -17.49 -12.59
N GLN B 199 -25.72 -16.57 -11.76
CA GLN B 199 -24.73 -15.60 -12.25
C GLN B 199 -23.40 -16.27 -12.61
N ARG B 200 -23.03 -17.32 -11.85
CA ARG B 200 -21.80 -18.05 -12.12
C ARG B 200 -21.92 -18.80 -13.46
N VAL B 201 -23.04 -19.47 -13.68
CA VAL B 201 -23.25 -20.19 -14.92
C VAL B 201 -23.28 -19.20 -16.11
N GLU B 202 -23.91 -18.02 -15.93
CA GLU B 202 -23.94 -16.95 -16.96
C GLU B 202 -22.51 -16.54 -17.31
N PHE B 203 -21.67 -16.28 -16.28
CA PHE B 203 -20.28 -15.87 -16.49
C PHE B 203 -19.50 -16.93 -17.22
N LEU B 204 -19.67 -18.21 -16.82
CA LEU B 204 -18.93 -19.32 -17.43
C LEU B 204 -19.36 -19.44 -18.91
N VAL B 205 -20.69 -19.47 -19.17
CA VAL B 205 -21.23 -19.56 -20.53
C VAL B 205 -20.76 -18.37 -21.42
N ASN B 206 -20.88 -17.13 -20.91
CA ASN B 206 -20.48 -15.93 -21.67
C ASN B 206 -18.99 -15.87 -21.93
N THR B 207 -18.18 -16.32 -20.95
CA THR B 207 -16.72 -16.35 -21.11
C THR B 207 -16.37 -17.36 -22.20
N TRP B 208 -17.00 -18.54 -22.16
CA TRP B 208 -16.79 -19.64 -23.12
C TRP B 208 -17.14 -19.17 -24.53
N LYS B 209 -18.30 -18.49 -24.68
CA LYS B 209 -18.78 -17.96 -25.97
C LYS B 209 -17.92 -16.82 -26.51
N SER B 210 -17.24 -16.06 -25.62
CA SER B 210 -16.38 -14.93 -25.98
C SER B 210 -15.07 -15.35 -26.68
N LYS B 211 -14.75 -16.65 -26.67
CA LYS B 211 -13.53 -17.15 -27.31
C LYS B 211 -13.84 -17.69 -28.71
N LYS B 212 -12.97 -17.39 -29.69
CA LYS B 212 -13.11 -17.88 -31.08
C LYS B 212 -13.10 -19.40 -31.06
N CYS B 213 -12.07 -19.97 -30.40
CA CYS B 213 -11.94 -21.41 -30.22
C CYS B 213 -11.61 -21.66 -28.72
N PRO B 214 -12.62 -21.81 -27.84
CA PRO B 214 -12.33 -21.97 -26.40
C PRO B 214 -11.65 -23.26 -25.95
N MET B 215 -10.79 -23.14 -24.94
CA MET B 215 -10.19 -24.27 -24.24
C MET B 215 -10.26 -23.84 -22.76
N GLY B 216 -10.62 -24.76 -21.89
CA GLY B 216 -10.65 -24.46 -20.46
C GLY B 216 -10.12 -25.60 -19.62
N PHE B 217 -9.68 -25.25 -18.40
CA PHE B 217 -9.20 -26.28 -17.51
C PHE B 217 -9.39 -25.83 -16.08
N SER B 218 -9.56 -26.80 -15.19
CA SER B 218 -9.57 -26.54 -13.74
C SER B 218 -8.15 -26.85 -13.26
N TYR B 219 -7.67 -26.16 -12.20
CA TYR B 219 -6.33 -26.46 -11.67
C TYR B 219 -6.49 -26.75 -10.20
N ASP B 220 -6.12 -27.97 -9.81
CA ASP B 220 -6.21 -28.42 -8.44
C ASP B 220 -4.84 -28.31 -7.81
N THR B 221 -4.68 -27.44 -6.81
CA THR B 221 -3.40 -27.36 -6.09
C THR B 221 -3.45 -28.42 -4.99
N ARG B 222 -2.36 -29.14 -4.78
CA ARG B 222 -2.44 -30.10 -3.69
C ARG B 222 -2.20 -29.43 -2.36
N CYS B 223 -3.14 -29.66 -1.41
CA CYS B 223 -3.05 -29.14 -0.03
C CYS B 223 -2.74 -27.65 -0.06
N PHE B 224 -3.59 -26.85 -0.74
CA PHE B 224 -3.27 -25.44 -0.97
C PHE B 224 -2.82 -24.71 0.30
N ASP B 225 -3.51 -24.90 1.45
CA ASP B 225 -3.15 -24.17 2.66
C ASP B 225 -1.70 -24.42 3.05
N SER B 226 -1.23 -25.67 2.89
CA SER B 226 0.15 -25.99 3.25
C SER B 226 1.15 -25.41 2.27
N THR B 227 0.74 -25.13 1.01
CA THR B 227 1.65 -24.57 0.01
C THR B 227 1.88 -23.07 0.21
N VAL B 228 0.99 -22.44 1.01
CA VAL B 228 1.05 -20.99 1.24
C VAL B 228 2.27 -20.70 2.11
N THR B 229 3.20 -19.86 1.62
CA THR B 229 4.45 -19.56 2.35
C THR B 229 4.34 -18.31 3.20
N GLU B 230 5.34 -18.13 4.07
CA GLU B 230 5.43 -16.90 4.87
C GLU B 230 5.50 -15.72 3.88
N SER B 231 6.25 -15.85 2.77
CA SER B 231 6.32 -14.78 1.76
C SER B 231 4.92 -14.50 1.17
N ASP B 232 4.15 -15.57 0.83
CA ASP B 232 2.80 -15.38 0.31
C ASP B 232 1.90 -14.58 1.28
N ILE B 233 2.00 -14.89 2.59
CA ILE B 233 1.15 -14.23 3.59
C ILE B 233 1.57 -12.76 3.78
N ARG B 234 2.86 -12.48 3.67
CA ARG B 234 3.34 -11.09 3.72
C ARG B 234 2.95 -10.34 2.45
N VAL B 235 2.93 -11.03 1.29
CA VAL B 235 2.49 -10.42 0.02
C VAL B 235 0.99 -10.08 0.13
N GLU B 236 0.21 -10.99 0.72
CA GLU B 236 -1.22 -10.75 0.94
C GLU B 236 -1.37 -9.49 1.83
N GLU B 237 -0.59 -9.41 2.91
CA GLU B 237 -0.63 -8.22 3.77
C GLU B 237 -0.25 -6.96 2.95
N SER B 238 0.73 -7.05 2.05
CA SER B 238 1.13 -5.89 1.24
C SER B 238 -0.06 -5.38 0.41
N ILE B 239 -0.96 -6.29 -0.01
CA ILE B 239 -2.15 -5.88 -0.73
C ILE B 239 -3.13 -5.19 0.21
N TYR B 240 -3.39 -5.77 1.39
CA TYR B 240 -4.30 -5.15 2.36
C TYR B 240 -3.80 -3.76 2.76
N GLN B 241 -2.46 -3.59 2.87
CA GLN B 241 -1.89 -2.31 3.32
C GLN B 241 -2.07 -1.19 2.29
N CYS B 242 -2.49 -1.52 1.04
CA CYS B 242 -2.76 -0.48 0.03
C CYS B 242 -4.11 0.19 0.32
N CYS B 243 -4.99 -0.43 1.15
CA CYS B 243 -6.29 0.22 1.47
C CYS B 243 -6.03 1.46 2.31
N ASP B 244 -6.99 2.42 2.29
CA ASP B 244 -7.01 3.49 3.25
C ASP B 244 -7.57 2.79 4.50
N LEU B 245 -6.84 2.88 5.59
CA LEU B 245 -7.19 2.19 6.85
C LEU B 245 -7.07 3.15 8.01
N ALA B 246 -7.89 2.92 9.04
CA ALA B 246 -7.73 3.64 10.30
C ALA B 246 -6.38 3.22 10.87
N PRO B 247 -5.68 4.10 11.60
CA PRO B 247 -4.34 3.71 12.12
C PRO B 247 -4.35 2.43 12.98
N GLU B 248 -5.34 2.28 13.87
CA GLU B 248 -5.35 1.05 14.69
C GLU B 248 -5.64 -0.19 13.86
N ALA B 249 -6.45 -0.02 12.77
CA ALA B 249 -6.72 -1.14 11.83
C ALA B 249 -5.41 -1.51 11.12
N ARG B 250 -4.58 -0.50 10.73
CA ARG B 250 -3.31 -0.81 10.10
C ARG B 250 -2.39 -1.58 11.03
N GLN B 251 -2.31 -1.16 12.30
CA GLN B 251 -1.47 -1.88 13.27
C GLN B 251 -2.06 -3.27 13.54
N ALA B 252 -3.39 -3.37 13.68
CA ALA B 252 -4.02 -4.67 13.95
C ALA B 252 -3.69 -5.64 12.79
N ILE B 253 -3.71 -5.14 11.54
CA ILE B 253 -3.40 -6.01 10.39
C ILE B 253 -1.94 -6.44 10.42
N ARG B 254 -1.05 -5.50 10.75
CA ARG B 254 0.37 -5.77 10.81
C ARG B 254 0.63 -6.84 11.90
N SER B 255 0.08 -6.62 13.12
CA SER B 255 0.29 -7.55 14.25
C SER B 255 -0.38 -8.89 13.96
N LEU B 256 -1.62 -8.91 13.44
CA LEU B 256 -2.25 -10.20 13.11
C LEU B 256 -1.42 -10.94 12.06
N THR B 257 -0.85 -10.23 11.05
CA THR B 257 -0.01 -10.91 10.06
C THR B 257 1.18 -11.59 10.73
N GLU B 258 1.93 -10.84 11.56
CA GLU B 258 3.14 -11.40 12.16
C GLU B 258 2.90 -12.41 13.25
N ARG B 259 1.81 -12.25 13.99
CA ARG B 259 1.55 -13.08 15.18
C ARG B 259 0.63 -14.27 14.89
N LEU B 260 -0.20 -14.15 13.85
CA LEU B 260 -1.20 -15.17 13.60
C LEU B 260 -1.17 -15.70 12.17
N TYR B 261 -1.27 -14.82 11.18
CA TYR B 261 -1.42 -15.36 9.83
C TYR B 261 -0.20 -16.10 9.29
N ILE B 262 1.02 -15.60 9.57
CA ILE B 262 2.25 -16.26 9.07
C ILE B 262 2.50 -17.61 9.72
N GLY B 263 1.95 -17.83 10.91
CA GLY B 263 2.17 -19.08 11.62
C GLY B 263 2.08 -18.90 13.11
N GLY B 264 2.38 -19.96 13.83
CA GLY B 264 2.27 -19.94 15.27
C GLY B 264 2.13 -21.33 15.87
N PRO B 265 2.13 -21.38 17.20
CA PRO B 265 2.02 -22.68 17.89
C PRO B 265 0.63 -23.28 17.79
N LEU B 266 0.58 -24.63 17.79
CA LEU B 266 -0.64 -25.42 17.67
C LEU B 266 -0.86 -26.12 18.99
N THR B 267 -2.02 -25.93 19.55
CA THR B 267 -2.40 -26.52 20.83
C THR B 267 -3.54 -27.49 20.60
N ASN B 268 -3.46 -28.72 21.18
CA ASN B 268 -4.61 -29.62 21.00
C ASN B 268 -5.74 -29.30 22.03
N SER B 269 -6.83 -30.08 22.01
CA SER B 269 -7.97 -29.87 22.92
C SER B 269 -7.59 -30.15 24.38
N LYS B 270 -6.47 -30.88 24.62
CA LYS B 270 -5.97 -31.19 25.96
C LYS B 270 -5.05 -30.11 26.50
N GLY B 271 -4.75 -29.09 25.68
CA GLY B 271 -3.87 -28.00 26.09
C GLY B 271 -2.41 -28.30 25.92
N GLN B 272 -2.09 -29.36 25.17
CA GLN B 272 -0.73 -29.77 24.91
C GLN B 272 -0.20 -29.09 23.67
N ASN B 273 1.09 -28.78 23.64
CA ASN B 273 1.71 -28.21 22.48
C ASN B 273 1.90 -29.31 21.41
N CYS B 274 1.21 -29.18 20.25
CA CYS B 274 1.27 -30.15 19.12
C CYS B 274 2.35 -29.89 18.13
N GLY B 275 2.72 -28.63 18.01
CA GLY B 275 3.74 -28.27 17.05
C GLY B 275 3.63 -26.82 16.66
N TYR B 276 4.12 -26.55 15.45
CA TYR B 276 4.17 -25.18 14.94
C TYR B 276 3.77 -25.15 13.47
N ARG B 277 3.01 -24.11 13.10
CA ARG B 277 2.51 -23.91 11.73
C ARG B 277 3.28 -22.79 11.06
N ARG B 278 3.66 -22.97 9.78
CA ARG B 278 4.33 -21.92 8.98
C ARG B 278 3.62 -21.78 7.62
N CYS B 279 2.32 -21.99 7.64
CA CYS B 279 1.49 -21.92 6.43
C CYS B 279 0.12 -21.34 6.79
N ARG B 280 -0.80 -21.38 5.82
CA ARG B 280 -2.13 -20.82 6.02
C ARG B 280 -2.91 -21.58 7.10
N ALA B 281 -3.51 -20.83 8.06
CA ALA B 281 -4.43 -21.38 9.04
C ALA B 281 -5.79 -21.51 8.34
N SER B 282 -6.43 -22.66 8.47
CA SER B 282 -7.73 -22.86 7.83
C SER B 282 -8.90 -22.10 8.48
N GLY B 283 -8.74 -21.71 9.75
CA GLY B 283 -9.82 -21.11 10.54
C GLY B 283 -9.60 -19.68 10.99
N VAL B 284 -9.20 -18.83 10.03
CA VAL B 284 -9.04 -17.39 10.28
C VAL B 284 -9.89 -16.60 9.29
N LEU B 285 -10.17 -15.33 9.62
CA LEU B 285 -11.04 -14.55 8.75
C LEU B 285 -10.49 -14.38 7.33
N THR B 286 -9.16 -14.29 7.20
CA THR B 286 -8.51 -14.04 5.92
C THR B 286 -8.26 -15.29 5.08
N THR B 287 -8.68 -16.49 5.55
CA THR B 287 -8.39 -17.72 4.78
C THR B 287 -8.95 -17.63 3.36
N SER B 288 -10.23 -17.29 3.23
CA SER B 288 -10.82 -17.28 1.88
C SER B 288 -10.22 -16.20 0.98
N CYS B 289 -10.18 -14.96 1.50
CA CYS B 289 -9.64 -13.80 0.75
C CYS B 289 -8.18 -14.02 0.41
N GLY B 290 -7.39 -14.43 1.39
CA GLY B 290 -5.97 -14.69 1.18
C GLY B 290 -5.74 -15.78 0.16
N ASN B 291 -6.49 -16.89 0.28
CA ASN B 291 -6.30 -17.97 -0.69
C ASN B 291 -6.70 -17.51 -2.07
N THR B 292 -7.81 -16.74 -2.17
CA THR B 292 -8.25 -16.30 -3.49
C THR B 292 -7.16 -15.39 -4.12
N LEU B 293 -6.68 -14.39 -3.36
CA LEU B 293 -5.69 -13.46 -3.93
C LEU B 293 -4.43 -14.20 -4.33
N THR B 294 -3.98 -15.15 -3.48
CA THR B 294 -2.75 -15.93 -3.72
C THR B 294 -2.88 -16.82 -4.95
N CYS B 295 -4.02 -17.51 -5.05
CA CYS B 295 -4.31 -18.36 -6.18
C CYS B 295 -4.36 -17.54 -7.47
N TYR B 296 -5.10 -16.41 -7.45
CA TYR B 296 -5.22 -15.51 -8.59
C TYR B 296 -3.85 -14.98 -9.02
N LEU B 297 -3.03 -14.53 -8.07
CA LEU B 297 -1.72 -14.00 -8.36
C LEU B 297 -0.84 -15.06 -9.04
N LYS B 298 -0.72 -16.22 -8.41
CA LYS B 298 0.13 -17.29 -8.95
C LYS B 298 -0.38 -17.74 -10.31
N ALA B 299 -1.71 -17.92 -10.45
CA ALA B 299 -2.26 -18.39 -11.74
C ALA B 299 -2.11 -17.36 -12.85
N THR B 300 -2.33 -16.07 -12.53
CA THR B 300 -2.23 -15.01 -13.56
C THR B 300 -0.80 -14.95 -14.09
N ALA B 301 0.15 -14.97 -13.16
CA ALA B 301 1.57 -14.97 -13.52
C ALA B 301 1.95 -16.26 -14.28
N ALA B 302 1.46 -17.44 -13.83
CA ALA B 302 1.76 -18.70 -14.53
C ALA B 302 1.20 -18.72 -15.96
N CYS B 303 0.01 -18.13 -16.19
N CYS B 303 0.00 -18.12 -16.20
CA CYS B 303 -0.58 -18.05 -17.52
CA CYS B 303 -0.58 -18.05 -17.56
C CYS B 303 0.37 -17.29 -18.46
C CYS B 303 0.37 -17.29 -18.47
N ARG B 304 0.99 -16.20 -17.96
CA ARG B 304 1.95 -15.41 -18.73
C ARG B 304 3.20 -16.21 -19.02
N ALA B 305 3.74 -16.92 -18.01
CA ALA B 305 4.94 -17.77 -18.18
C ALA B 305 4.69 -18.90 -19.19
N ALA B 306 3.45 -19.45 -19.19
CA ALA B 306 3.03 -20.57 -20.04
C ALA B 306 2.67 -20.15 -21.46
N LYS B 307 2.50 -18.83 -21.69
CA LYS B 307 2.08 -18.24 -22.97
C LYS B 307 0.66 -18.68 -23.37
N LEU B 308 -0.22 -18.88 -22.37
CA LEU B 308 -1.63 -19.20 -22.62
C LEU B 308 -2.26 -17.91 -23.15
N GLN B 309 -3.13 -18.00 -24.15
CA GLN B 309 -3.71 -16.82 -24.78
C GLN B 309 -5.09 -16.47 -24.27
N ASP B 310 -5.34 -15.16 -24.06
CA ASP B 310 -6.64 -14.58 -23.69
C ASP B 310 -7.30 -15.36 -22.52
N CYS B 311 -6.54 -15.51 -21.43
CA CYS B 311 -6.99 -16.22 -20.22
C CYS B 311 -7.99 -15.42 -19.45
N THR B 312 -9.07 -16.07 -19.07
CA THR B 312 -10.06 -15.50 -18.17
C THR B 312 -10.12 -16.49 -17.01
N MET B 313 -9.83 -16.00 -15.79
CA MET B 313 -9.82 -16.84 -14.58
C MET B 313 -11.14 -16.68 -13.84
N LEU B 314 -11.52 -17.70 -13.07
CA LEU B 314 -12.64 -17.60 -12.14
C LEU B 314 -12.11 -18.30 -10.90
N VAL B 315 -11.91 -17.52 -9.80
CA VAL B 315 -11.23 -18.02 -8.60
C VAL B 315 -12.13 -17.96 -7.38
N ASN B 316 -12.19 -19.06 -6.59
CA ASN B 316 -12.92 -19.08 -5.33
C ASN B 316 -11.97 -19.76 -4.34
N GLY B 317 -11.24 -18.98 -3.55
CA GLY B 317 -10.25 -19.54 -2.63
C GLY B 317 -9.17 -20.25 -3.45
N ASP B 318 -8.92 -21.55 -3.15
CA ASP B 318 -7.95 -22.34 -3.90
C ASP B 318 -8.57 -22.96 -5.18
N ASP B 319 -9.85 -22.72 -5.43
CA ASP B 319 -10.54 -23.30 -6.58
C ASP B 319 -10.38 -22.42 -7.79
N LEU B 320 -9.77 -22.98 -8.85
CA LEU B 320 -9.40 -22.22 -10.03
C LEU B 320 -9.86 -22.84 -11.34
N VAL B 321 -10.49 -22.03 -12.16
CA VAL B 321 -10.86 -22.44 -13.52
C VAL B 321 -10.38 -21.36 -14.47
N VAL B 322 -9.82 -21.77 -15.61
CA VAL B 322 -9.26 -20.87 -16.59
C VAL B 322 -9.90 -21.19 -17.95
N ILE B 323 -10.38 -20.15 -18.66
CA ILE B 323 -10.93 -20.32 -20.01
C ILE B 323 -10.11 -19.40 -20.89
N CYS B 324 -9.53 -19.97 -21.94
CA CYS B 324 -8.67 -19.22 -22.82
C CYS B 324 -8.93 -19.53 -24.28
N GLU B 325 -8.11 -18.93 -25.13
CA GLU B 325 -8.15 -19.10 -26.58
C GLU B 325 -7.25 -20.29 -26.95
N SER B 326 -7.79 -21.31 -27.61
CA SER B 326 -6.99 -22.49 -28.00
C SER B 326 -5.96 -22.13 -29.05
N ALA B 327 -4.76 -22.71 -28.95
CA ALA B 327 -3.69 -22.52 -29.94
C ALA B 327 -3.50 -23.84 -30.72
N GLY B 328 -4.46 -24.75 -30.57
CA GLY B 328 -4.45 -26.10 -31.12
C GLY B 328 -4.19 -27.11 -30.02
N THR B 329 -4.59 -28.39 -30.22
CA THR B 329 -4.47 -29.49 -29.24
C THR B 329 -3.04 -29.71 -28.67
N GLN B 330 -2.03 -29.87 -29.55
CA GLN B 330 -0.66 -30.15 -29.11
C GLN B 330 -0.08 -28.96 -28.34
N GLU B 331 -0.29 -27.73 -28.86
CA GLU B 331 0.18 -26.46 -28.28
C GLU B 331 -0.50 -26.22 -26.92
N ASP B 332 -1.83 -26.50 -26.81
CA ASP B 332 -2.56 -26.30 -25.54
C ASP B 332 -2.01 -27.22 -24.45
N ALA B 333 -1.72 -28.50 -24.82
CA ALA B 333 -1.19 -29.48 -23.89
C ALA B 333 0.19 -29.06 -23.38
N ALA B 334 1.03 -28.50 -24.28
CA ALA B 334 2.37 -28.03 -23.92
C ALA B 334 2.26 -26.78 -23.03
N ALA B 335 1.31 -25.88 -23.35
CA ALA B 335 1.12 -24.65 -22.56
C ALA B 335 0.66 -25.00 -21.15
N LEU B 336 -0.26 -25.97 -21.01
CA LEU B 336 -0.74 -26.44 -19.70
C LEU B 336 0.37 -27.10 -18.88
N ARG B 337 1.29 -27.84 -19.55
CA ARG B 337 2.44 -28.43 -18.87
C ARG B 337 3.33 -27.29 -18.32
N ALA B 338 3.55 -26.21 -19.11
CA ALA B 338 4.36 -25.06 -18.70
C ALA B 338 3.66 -24.30 -17.56
N PHE B 339 2.33 -24.19 -17.62
CA PHE B 339 1.53 -23.52 -16.57
C PHE B 339 1.74 -24.27 -15.22
N THR B 340 1.61 -25.61 -15.24
CA THR B 340 1.81 -26.46 -14.07
C THR B 340 3.22 -26.33 -13.51
N GLU B 341 4.26 -26.27 -14.38
CA GLU B 341 5.63 -26.11 -13.90
C GLU B 341 5.79 -24.73 -13.22
N ALA B 342 5.17 -23.68 -13.79
CA ALA B 342 5.26 -22.32 -13.21
C ALA B 342 4.54 -22.27 -11.87
N MET B 343 3.34 -22.86 -11.80
CA MET B 343 2.61 -22.91 -10.52
C MET B 343 3.43 -23.65 -9.47
N THR B 344 4.13 -24.74 -9.88
CA THR B 344 4.97 -25.50 -8.96
C THR B 344 6.08 -24.61 -8.41
N ARG B 345 6.77 -23.85 -9.26
CA ARG B 345 7.84 -22.94 -8.86
C ARG B 345 7.30 -21.91 -7.88
N TYR B 346 6.06 -21.46 -8.08
CA TYR B 346 5.45 -20.48 -7.18
C TYR B 346 4.92 -21.11 -5.89
N SER B 347 5.16 -22.40 -5.63
CA SER B 347 4.64 -23.13 -4.49
C SER B 347 3.11 -23.29 -4.55
N ALA B 348 2.63 -23.80 -5.70
CA ALA B 348 1.24 -24.21 -5.86
C ALA B 348 1.27 -25.48 -6.75
N PRO B 349 1.97 -26.53 -6.27
CA PRO B 349 2.09 -27.77 -7.06
C PRO B 349 0.72 -28.44 -7.27
N PRO B 350 0.57 -29.23 -8.34
CA PRO B 350 -0.75 -29.81 -8.61
C PRO B 350 -1.13 -31.05 -7.81
N GLY B 351 -2.42 -31.23 -7.64
CA GLY B 351 -3.01 -32.44 -7.07
C GLY B 351 -3.30 -33.30 -8.30
N ASP B 352 -4.57 -33.39 -8.71
CA ASP B 352 -4.92 -34.07 -9.96
C ASP B 352 -4.24 -33.29 -11.12
N PRO B 353 -3.67 -33.97 -12.14
CA PRO B 353 -3.03 -33.21 -13.23
C PRO B 353 -4.06 -32.44 -14.08
N PRO B 354 -3.81 -31.14 -14.46
CA PRO B 354 -4.85 -30.41 -15.22
C PRO B 354 -5.01 -30.97 -16.61
N GLN B 355 -6.24 -30.91 -17.13
CA GLN B 355 -6.58 -31.47 -18.43
C GLN B 355 -7.25 -30.41 -19.32
N PRO B 356 -6.72 -30.18 -20.55
CA PRO B 356 -7.39 -29.23 -21.45
C PRO B 356 -8.74 -29.79 -21.87
N GLU B 357 -9.78 -28.94 -21.82
CA GLU B 357 -11.14 -29.36 -22.20
C GLU B 357 -11.67 -28.43 -23.25
N TYR B 358 -12.41 -28.99 -24.21
CA TYR B 358 -12.98 -28.23 -25.33
C TYR B 358 -14.50 -28.27 -25.28
N ASP B 359 -15.05 -28.79 -24.18
CA ASP B 359 -16.48 -28.87 -23.91
C ASP B 359 -16.63 -28.31 -22.48
N LEU B 360 -17.34 -27.18 -22.35
CA LEU B 360 -17.57 -26.48 -21.08
C LEU B 360 -18.18 -27.41 -20.02
N GLU B 361 -19.07 -28.32 -20.45
CA GLU B 361 -19.77 -29.28 -19.57
C GLU B 361 -18.83 -30.33 -18.97
N LEU B 362 -17.62 -30.49 -19.55
CA LEU B 362 -16.65 -31.45 -19.07
C LEU B 362 -15.70 -30.85 -18.03
N ILE B 363 -15.90 -29.57 -17.68
CA ILE B 363 -15.03 -28.96 -16.66
C ILE B 363 -15.73 -29.02 -15.31
N THR B 364 -15.01 -29.45 -14.27
CA THR B 364 -15.50 -29.39 -12.91
C THR B 364 -14.76 -28.22 -12.20
N SER B 365 -15.52 -27.24 -11.66
CA SER B 365 -14.92 -26.10 -10.92
C SER B 365 -15.87 -25.83 -9.75
N CYS B 366 -15.32 -25.60 -8.53
CA CYS B 366 -16.14 -25.52 -7.32
C CYS B 366 -16.98 -26.78 -7.17
N SER B 367 -16.35 -27.93 -7.50
CA SER B 367 -16.94 -29.27 -7.43
C SER B 367 -18.21 -29.40 -8.29
N SER B 368 -18.42 -28.46 -9.22
CA SER B 368 -19.63 -28.39 -10.02
C SER B 368 -19.38 -28.34 -11.51
N ASN B 369 -20.37 -28.75 -12.30
CA ASN B 369 -20.22 -28.65 -13.75
C ASN B 369 -21.47 -28.07 -14.35
N VAL B 370 -21.31 -27.38 -15.48
CA VAL B 370 -22.43 -26.83 -16.24
C VAL B 370 -23.15 -28.00 -16.93
N SER B 371 -24.48 -27.99 -16.85
CA SER B 371 -25.27 -28.99 -17.59
C SER B 371 -26.46 -28.26 -18.18
N VAL B 372 -27.21 -28.93 -19.06
CA VAL B 372 -28.35 -28.31 -19.76
C VAL B 372 -29.62 -29.09 -19.50
N ALA B 373 -30.74 -28.39 -19.32
CA ALA B 373 -32.07 -28.96 -19.24
C ALA B 373 -33.00 -28.01 -20.03
N HIS B 374 -34.28 -28.32 -20.10
CA HIS B 374 -35.23 -27.49 -20.81
C HIS B 374 -36.30 -27.01 -19.86
N ASP B 375 -36.74 -25.74 -20.00
CA ASP B 375 -37.81 -25.26 -19.14
C ASP B 375 -39.19 -25.67 -19.73
N ALA B 376 -40.31 -25.28 -19.10
CA ALA B 376 -41.69 -25.63 -19.53
C ALA B 376 -42.01 -25.34 -21.01
N SER B 377 -41.25 -24.43 -21.66
CA SER B 377 -41.43 -24.04 -23.07
C SER B 377 -40.50 -24.79 -24.02
N GLY B 378 -39.49 -25.45 -23.48
CA GLY B 378 -38.49 -26.18 -24.25
C GLY B 378 -37.23 -25.36 -24.43
N LYS B 379 -37.19 -24.17 -23.82
CA LYS B 379 -36.03 -23.26 -23.84
C LYS B 379 -34.88 -23.92 -23.04
N ARG B 380 -33.66 -23.92 -23.63
CA ARG B 380 -32.44 -24.45 -23.02
C ARG B 380 -32.09 -23.56 -21.82
N VAL B 381 -31.78 -24.19 -20.69
CA VAL B 381 -31.41 -23.52 -19.44
C VAL B 381 -30.15 -24.21 -18.95
N TYR B 382 -29.10 -23.42 -18.76
CA TYR B 382 -27.84 -23.93 -18.23
C TYR B 382 -27.90 -23.78 -16.73
N TYR B 383 -27.36 -24.76 -16.02
CA TYR B 383 -27.41 -24.72 -14.56
C TYR B 383 -26.24 -25.50 -14.05
N LEU B 384 -25.90 -25.31 -12.77
CA LEU B 384 -24.77 -26.05 -12.21
C LEU B 384 -25.23 -27.26 -11.44
N THR B 385 -24.53 -28.36 -11.65
CA THR B 385 -24.82 -29.58 -10.93
C THR B 385 -23.50 -30.12 -10.39
N ARG B 386 -23.60 -31.23 -9.70
CA ARG B 386 -22.43 -31.94 -9.18
C ARG B 386 -22.77 -33.38 -8.97
N ASP B 387 -21.73 -34.19 -8.77
CA ASP B 387 -21.92 -35.59 -8.41
C ASP B 387 -22.66 -35.57 -7.07
N PRO B 388 -23.82 -36.23 -6.97
CA PRO B 388 -24.61 -36.16 -5.73
C PRO B 388 -24.19 -37.12 -4.63
N THR B 389 -23.08 -37.86 -4.78
CA THR B 389 -22.68 -38.83 -3.74
C THR B 389 -22.53 -38.20 -2.35
N THR B 390 -21.66 -37.18 -2.23
CA THR B 390 -21.42 -36.54 -0.91
C THR B 390 -22.70 -35.87 -0.40
N PRO B 391 -23.45 -35.08 -1.21
CA PRO B 391 -24.72 -34.54 -0.73
C PRO B 391 -25.70 -35.57 -0.19
N LEU B 392 -25.83 -36.72 -0.88
CA LEU B 392 -26.72 -37.77 -0.43
C LEU B 392 -26.21 -38.50 0.81
N ALA B 393 -24.88 -38.75 0.90
CA ALA B 393 -24.30 -39.38 2.09
C ALA B 393 -24.50 -38.49 3.33
N ARG B 394 -24.34 -37.17 3.15
CA ARG B 394 -24.51 -36.22 4.26
C ARG B 394 -25.96 -36.08 4.65
N ALA B 395 -26.88 -36.14 3.69
CA ALA B 395 -28.32 -36.10 3.94
C ALA B 395 -28.76 -37.31 4.76
N ALA B 396 -28.16 -38.50 4.48
CA ALA B 396 -28.45 -39.73 5.21
C ALA B 396 -27.96 -39.54 6.64
N TRP B 397 -26.74 -39.02 6.80
CA TRP B 397 -26.18 -38.77 8.13
C TRP B 397 -27.09 -37.84 8.91
N GLU B 398 -27.50 -36.71 8.30
CA GLU B 398 -28.36 -35.70 8.94
C GLU B 398 -29.74 -36.18 9.33
N THR B 399 -30.27 -37.18 8.60
CA THR B 399 -31.58 -37.78 8.91
C THR B 399 -31.45 -38.63 10.20
N ALA B 400 -30.37 -39.42 10.33
CA ALA B 400 -30.14 -40.33 11.45
C ALA B 400 -29.53 -39.68 12.70
N ARG B 401 -28.64 -38.67 12.54
CA ARG B 401 -28.01 -37.98 13.68
C ARG B 401 -28.21 -36.47 13.58
N HIS B 402 -28.42 -35.82 14.73
CA HIS B 402 -28.56 -34.36 14.80
C HIS B 402 -27.19 -33.70 14.54
N THR B 403 -27.15 -32.75 13.58
CA THR B 403 -25.93 -32.04 13.19
C THR B 403 -26.11 -30.53 13.36
N PRO B 404 -25.05 -29.74 13.70
CA PRO B 404 -25.24 -28.29 13.83
C PRO B 404 -25.55 -27.60 12.49
N ILE B 405 -24.90 -28.03 11.39
CA ILE B 405 -25.14 -27.46 10.07
C ILE B 405 -25.94 -28.45 9.19
N ASN B 406 -27.02 -27.97 8.56
CA ASN B 406 -27.85 -28.80 7.68
C ASN B 406 -27.35 -28.71 6.26
N SER B 407 -26.46 -29.66 5.84
CA SER B 407 -25.92 -29.63 4.48
C SER B 407 -27.01 -29.79 3.44
N TRP B 408 -28.06 -30.57 3.76
CA TRP B 408 -29.17 -30.77 2.83
C TRP B 408 -29.85 -29.45 2.44
N LEU B 409 -29.99 -28.53 3.39
CA LEU B 409 -30.65 -27.25 3.14
C LEU B 409 -29.81 -26.36 2.24
N GLY B 410 -28.50 -26.28 2.53
CA GLY B 410 -27.57 -25.53 1.69
C GLY B 410 -27.55 -26.11 0.28
N ASN B 411 -27.63 -27.45 0.19
CA ASN B 411 -27.65 -28.11 -1.13
C ASN B 411 -28.93 -27.85 -1.92
N ILE B 412 -30.08 -27.83 -1.25
CA ILE B 412 -31.32 -27.49 -1.94
C ILE B 412 -31.21 -26.05 -2.45
N ILE B 413 -30.71 -25.11 -1.62
CA ILE B 413 -30.61 -23.72 -2.07
C ILE B 413 -29.68 -23.56 -3.26
N MET B 414 -28.45 -24.17 -3.19
CA MET B 414 -27.45 -23.98 -4.22
C MET B 414 -27.60 -24.83 -5.48
N TYR B 415 -28.25 -25.98 -5.33
CA TYR B 415 -28.45 -26.93 -6.43
C TYR B 415 -29.93 -27.18 -6.69
N ALA B 416 -30.79 -26.18 -6.38
CA ALA B 416 -32.25 -26.27 -6.58
C ALA B 416 -32.68 -26.72 -8.02
N PRO B 417 -32.00 -26.32 -9.13
CA PRO B 417 -32.45 -26.78 -10.47
C PRO B 417 -32.13 -28.25 -10.77
N THR B 418 -31.28 -28.89 -9.94
CA THR B 418 -30.83 -30.25 -10.20
C THR B 418 -31.89 -31.31 -10.03
N LEU B 419 -31.77 -32.38 -10.83
CA LEU B 419 -32.67 -33.53 -10.79
C LEU B 419 -32.63 -34.17 -9.38
N TRP B 420 -31.41 -34.33 -8.80
CA TRP B 420 -31.25 -34.93 -7.47
C TRP B 420 -31.75 -34.08 -6.31
N ALA B 421 -31.52 -32.74 -6.34
CA ALA B 421 -31.98 -31.92 -5.22
C ALA B 421 -33.49 -31.83 -5.22
N ARG B 422 -34.09 -31.79 -6.42
CA ARG B 422 -35.53 -31.67 -6.53
C ARG B 422 -36.24 -32.96 -6.20
N MET B 423 -35.79 -34.05 -6.80
CA MET B 423 -36.50 -35.33 -6.62
C MET B 423 -36.22 -36.04 -5.33
N ILE B 424 -34.97 -35.93 -4.83
CA ILE B 424 -34.58 -36.63 -3.61
C ILE B 424 -34.56 -35.71 -2.40
N LEU B 425 -33.73 -34.67 -2.42
CA LEU B 425 -33.61 -33.84 -1.21
C LEU B 425 -34.87 -33.13 -0.78
N MET B 426 -35.55 -32.49 -1.72
CA MET B 426 -36.77 -31.76 -1.40
C MET B 426 -37.84 -32.74 -0.93
N THR B 427 -38.01 -33.85 -1.66
CA THR B 427 -38.98 -34.87 -1.27
C THR B 427 -38.74 -35.40 0.14
N HIS B 428 -37.53 -35.90 0.38
CA HIS B 428 -37.14 -36.50 1.64
C HIS B 428 -37.30 -35.56 2.81
N PHE B 429 -36.68 -34.37 2.73
CA PHE B 429 -36.73 -33.44 3.85
C PHE B 429 -38.06 -32.78 4.09
N PHE B 430 -38.83 -32.51 3.03
CA PHE B 430 -40.16 -31.92 3.23
C PHE B 430 -41.09 -32.93 3.92
N SER B 431 -40.94 -34.23 3.62
CA SER B 431 -41.71 -35.31 4.28
C SER B 431 -41.45 -35.30 5.79
N ILE B 432 -40.15 -35.27 6.18
CA ILE B 432 -39.69 -35.26 7.58
C ILE B 432 -40.22 -34.04 8.31
N LEU B 433 -40.01 -32.84 7.74
CA LEU B 433 -40.43 -31.58 8.36
C LEU B 433 -41.96 -31.51 8.56
N LEU B 434 -42.75 -31.96 7.55
CA LEU B 434 -44.22 -32.02 7.61
C LEU B 434 -44.68 -32.83 8.82
N ALA B 435 -44.19 -34.09 8.92
CA ALA B 435 -44.50 -35.04 10.00
C ALA B 435 -44.12 -34.50 11.37
N GLN B 436 -43.01 -33.74 11.47
CA GLN B 436 -42.52 -33.14 12.72
C GLN B 436 -43.13 -31.75 12.97
N GLU B 437 -43.92 -31.22 12.01
CA GLU B 437 -44.56 -29.89 12.07
C GLU B 437 -43.46 -28.81 12.30
N GLN B 438 -42.36 -28.91 11.51
CA GLN B 438 -41.22 -28.02 11.64
C GLN B 438 -40.85 -27.25 10.37
N LEU B 439 -41.77 -27.15 9.40
CA LEU B 439 -41.50 -26.44 8.16
C LEU B 439 -41.10 -24.97 8.37
N GLY B 440 -41.69 -24.34 9.38
CA GLY B 440 -41.44 -22.93 9.66
C GLY B 440 -40.32 -22.64 10.65
N LYS B 441 -39.59 -23.69 11.07
CA LYS B 441 -38.48 -23.59 12.02
C LYS B 441 -37.18 -23.28 11.26
N ALA B 442 -36.53 -22.15 11.59
CA ALA B 442 -35.28 -21.68 10.96
C ALA B 442 -34.15 -22.66 11.26
N LEU B 443 -33.41 -23.05 10.20
CA LEU B 443 -32.36 -24.05 10.35
C LEU B 443 -31.05 -23.48 9.84
N ASP B 444 -29.95 -23.91 10.43
CA ASP B 444 -28.64 -23.42 10.05
C ASP B 444 -28.07 -24.10 8.81
N CYS B 445 -27.53 -23.29 7.93
CA CYS B 445 -26.91 -23.80 6.73
C CYS B 445 -25.80 -22.82 6.32
N GLN B 446 -24.94 -23.23 5.38
CA GLN B 446 -23.83 -22.38 4.99
C GLN B 446 -23.90 -22.08 3.51
N ILE B 447 -23.63 -20.81 3.17
CA ILE B 447 -23.61 -20.33 1.80
C ILE B 447 -22.32 -19.58 1.62
N TYR B 448 -21.44 -20.10 0.75
CA TYR B 448 -20.10 -19.50 0.54
C TYR B 448 -19.35 -19.32 1.89
N GLY B 449 -19.50 -20.31 2.79
CA GLY B 449 -18.79 -20.33 4.05
C GLY B 449 -19.42 -19.60 5.20
N ALA B 450 -20.35 -18.69 4.93
CA ALA B 450 -21.06 -17.95 5.98
C ALA B 450 -22.29 -18.71 6.44
N CYS B 451 -22.62 -18.57 7.74
N CYS B 451 -22.62 -18.55 7.73
CA CYS B 451 -23.76 -19.25 8.32
CA CYS B 451 -23.77 -19.22 8.35
C CYS B 451 -25.02 -18.41 8.16
C CYS B 451 -25.03 -18.40 8.20
N TYR B 452 -26.14 -19.06 7.81
CA TYR B 452 -27.44 -18.44 7.63
C TYR B 452 -28.44 -19.27 8.39
N SER B 453 -29.50 -18.64 8.87
CA SER B 453 -30.58 -19.34 9.57
C SER B 453 -31.81 -19.15 8.66
N ILE B 454 -32.24 -20.24 7.98
CA ILE B 454 -33.28 -20.15 6.96
C ILE B 454 -34.43 -21.11 7.24
N GLU B 455 -35.65 -20.62 7.06
CA GLU B 455 -36.85 -21.42 7.23
C GLU B 455 -37.13 -22.17 5.93
N PRO B 456 -37.36 -23.50 5.99
CA PRO B 456 -37.68 -24.25 4.75
C PRO B 456 -38.87 -23.65 3.99
N LEU B 457 -39.83 -23.06 4.71
CA LEU B 457 -40.98 -22.39 4.08
C LEU B 457 -40.63 -21.25 3.15
N ASP B 458 -39.43 -20.65 3.28
CA ASP B 458 -39.01 -19.56 2.41
C ASP B 458 -38.23 -20.02 1.17
N LEU B 459 -38.01 -21.35 1.02
CA LEU B 459 -37.30 -21.90 -0.13
C LEU B 459 -37.81 -21.49 -1.51
N PRO B 460 -39.12 -21.42 -1.79
CA PRO B 460 -39.54 -21.04 -3.15
C PRO B 460 -39.03 -19.67 -3.61
N GLN B 461 -39.16 -18.62 -2.76
CA GLN B 461 -38.70 -17.29 -3.17
C GLN B 461 -37.17 -17.22 -3.23
N ILE B 462 -36.48 -17.95 -2.32
CA ILE B 462 -35.01 -17.98 -2.37
C ILE B 462 -34.56 -18.60 -3.69
N ILE B 463 -35.16 -19.75 -4.05
CA ILE B 463 -34.80 -20.43 -5.29
C ILE B 463 -35.11 -19.57 -6.51
N GLU B 464 -36.25 -18.86 -6.51
CA GLU B 464 -36.58 -18.01 -7.65
C GLU B 464 -35.52 -16.94 -7.87
N ARG B 465 -35.02 -16.34 -6.78
CA ARG B 465 -33.99 -15.31 -6.88
C ARG B 465 -32.63 -15.81 -7.33
N LEU B 466 -32.20 -16.96 -6.81
CA LEU B 466 -30.87 -17.50 -7.09
C LEU B 466 -30.79 -18.18 -8.46
N HIS B 467 -31.93 -18.70 -8.94
CA HIS B 467 -31.91 -19.56 -10.13
C HIS B 467 -32.91 -19.19 -11.19
N GLY B 468 -33.88 -18.37 -10.85
CA GLY B 468 -34.95 -18.02 -11.77
C GLY B 468 -36.11 -19.00 -11.68
N LEU B 469 -37.27 -18.62 -12.25
CA LEU B 469 -38.48 -19.45 -12.25
C LEU B 469 -38.30 -20.81 -12.93
N SER B 470 -37.39 -20.89 -13.90
CA SER B 470 -37.13 -22.12 -14.61
C SER B 470 -36.71 -23.27 -13.69
N ALA B 471 -36.13 -22.97 -12.49
CA ALA B 471 -35.73 -24.01 -11.52
C ALA B 471 -36.91 -24.95 -11.14
N PHE B 472 -38.16 -24.43 -11.25
CA PHE B 472 -39.35 -25.19 -10.89
C PHE B 472 -39.96 -25.90 -12.09
N THR B 473 -39.39 -25.72 -13.30
CA THR B 473 -39.97 -26.30 -14.51
C THR B 473 -39.01 -27.12 -15.37
N LEU B 474 -37.76 -27.28 -14.92
CA LEU B 474 -36.79 -28.06 -15.70
C LEU B 474 -37.19 -29.50 -15.91
N HIS B 475 -36.94 -29.96 -17.13
CA HIS B 475 -37.20 -31.32 -17.53
C HIS B 475 -36.26 -31.59 -18.69
N SER B 476 -36.27 -32.84 -19.20
CA SER B 476 -35.39 -33.26 -20.30
C SER B 476 -33.93 -32.99 -19.95
N TYR B 477 -33.51 -33.52 -18.80
CA TYR B 477 -32.13 -33.41 -18.33
C TYR B 477 -31.26 -34.24 -19.26
N SER B 478 -29.96 -33.96 -19.30
CA SER B 478 -29.02 -34.66 -20.17
C SER B 478 -28.86 -36.15 -19.80
N PRO B 479 -28.66 -37.06 -20.80
CA PRO B 479 -28.48 -38.49 -20.45
C PRO B 479 -27.31 -38.71 -19.49
N GLY B 480 -26.20 -37.98 -19.69
CA GLY B 480 -25.01 -38.02 -18.83
C GLY B 480 -25.32 -37.67 -17.38
N GLU B 481 -26.20 -36.66 -17.17
CA GLU B 481 -26.61 -36.25 -15.83
C GLU B 481 -27.55 -37.29 -15.22
N ILE B 482 -28.53 -37.80 -16.01
CA ILE B 482 -29.46 -38.82 -15.49
C ILE B 482 -28.66 -40.07 -15.12
N ASN B 483 -27.70 -40.48 -15.98
CA ASN B 483 -26.85 -41.65 -15.74
C ASN B 483 -26.02 -41.49 -14.48
N ARG B 484 -25.41 -40.30 -14.27
CA ARG B 484 -24.59 -40.01 -13.07
C ARG B 484 -25.47 -40.14 -11.81
N VAL B 485 -26.67 -39.55 -11.83
CA VAL B 485 -27.59 -39.61 -10.69
C VAL B 485 -28.06 -41.07 -10.44
N ALA B 486 -28.54 -41.77 -11.50
CA ALA B 486 -29.02 -43.15 -11.38
C ALA B 486 -27.93 -44.06 -10.85
N SER B 487 -26.68 -43.91 -11.35
CA SER B 487 -25.52 -44.68 -10.93
C SER B 487 -25.22 -44.45 -9.45
N CYS B 488 -25.23 -43.18 -9.01
CA CYS B 488 -25.02 -42.83 -7.62
C CYS B 488 -26.08 -43.46 -6.72
N LEU B 489 -27.36 -43.43 -7.16
CA LEU B 489 -28.47 -44.02 -6.40
C LEU B 489 -28.28 -45.53 -6.20
N ARG B 490 -27.79 -46.22 -7.24
CA ARG B 490 -27.51 -47.67 -7.21
C ARG B 490 -26.32 -47.95 -6.29
N LYS B 491 -25.25 -47.12 -6.38
CA LYS B 491 -24.06 -47.24 -5.54
C LYS B 491 -24.45 -47.14 -4.06
N LEU B 492 -25.28 -46.15 -3.72
CA LEU B 492 -25.68 -45.87 -2.33
C LEU B 492 -26.86 -46.66 -1.77
N GLY B 493 -27.66 -47.26 -2.65
CA GLY B 493 -28.83 -48.00 -2.21
C GLY B 493 -29.99 -47.07 -1.96
N VAL B 494 -30.02 -45.95 -2.71
CA VAL B 494 -31.10 -44.96 -2.60
C VAL B 494 -32.22 -45.47 -3.52
N PRO B 495 -33.51 -45.41 -3.11
CA PRO B 495 -34.60 -45.82 -4.03
C PRO B 495 -34.52 -45.09 -5.38
N PRO B 496 -34.94 -45.73 -6.50
CA PRO B 496 -34.86 -45.05 -7.80
C PRO B 496 -35.76 -43.83 -7.93
N LEU B 497 -35.42 -42.93 -8.87
CA LEU B 497 -36.11 -41.68 -9.16
C LEU B 497 -37.62 -41.82 -9.30
N ARG B 498 -38.10 -42.91 -9.96
CA ARG B 498 -39.53 -43.19 -10.11
C ARG B 498 -40.25 -43.31 -8.76
N THR B 499 -39.61 -43.94 -7.75
CA THR B 499 -40.16 -44.10 -6.40
C THR B 499 -40.32 -42.75 -5.70
N TRP B 500 -39.37 -41.82 -5.97
CA TRP B 500 -39.41 -40.47 -5.40
C TRP B 500 -40.61 -39.67 -5.84
N ARG B 501 -41.06 -39.86 -7.10
CA ARG B 501 -42.23 -39.19 -7.65
C ARG B 501 -43.50 -39.52 -6.85
N HIS B 502 -43.70 -40.81 -6.49
CA HIS B 502 -44.84 -41.24 -5.68
C HIS B 502 -44.82 -40.51 -4.33
N ARG B 503 -43.67 -40.54 -3.61
CA ARG B 503 -43.51 -39.90 -2.30
C ARG B 503 -43.78 -38.41 -2.41
N ALA B 504 -43.29 -37.76 -3.50
CA ALA B 504 -43.48 -36.33 -3.73
C ALA B 504 -44.92 -35.90 -3.93
N ARG B 505 -45.75 -36.72 -4.63
CA ARG B 505 -47.17 -36.40 -4.83
C ARG B 505 -47.91 -36.30 -3.50
N SER B 506 -47.57 -37.21 -2.56
CA SER B 506 -48.16 -37.27 -1.23
C SER B 506 -47.74 -36.05 -0.41
N VAL B 507 -46.42 -35.70 -0.44
CA VAL B 507 -45.86 -34.54 0.27
C VAL B 507 -46.55 -33.28 -0.27
N ARG B 508 -46.60 -33.15 -1.61
CA ARG B 508 -47.22 -32.03 -2.31
C ARG B 508 -48.67 -31.79 -1.88
N ALA B 509 -49.47 -32.87 -1.79
CA ALA B 509 -50.88 -32.82 -1.38
C ALA B 509 -51.02 -32.32 0.06
N LYS B 510 -50.17 -32.82 0.97
CA LYS B 510 -50.19 -32.37 2.37
C LYS B 510 -49.85 -30.88 2.52
N LEU B 511 -48.82 -30.40 1.76
CA LEU B 511 -48.42 -28.99 1.78
C LEU B 511 -49.53 -28.09 1.22
N LEU B 512 -50.19 -28.48 0.10
CA LEU B 512 -51.27 -27.67 -0.49
C LEU B 512 -52.47 -27.49 0.45
N SER B 513 -52.80 -28.53 1.22
CA SER B 513 -53.92 -28.54 2.18
C SER B 513 -53.66 -27.64 3.40
N GLN B 514 -52.38 -27.29 3.65
CA GLN B 514 -52.03 -26.44 4.80
C GLN B 514 -52.17 -24.94 4.52
N GLY B 515 -52.28 -24.56 3.24
CA GLY B 515 -52.38 -23.17 2.82
C GLY B 515 -51.09 -22.39 3.03
N GLY B 516 -51.15 -21.07 2.82
CA GLY B 516 -50.06 -20.14 3.05
C GLY B 516 -48.74 -20.49 2.37
N ARG B 517 -47.63 -20.34 3.11
CA ARG B 517 -46.29 -20.63 2.57
C ARG B 517 -46.13 -22.10 2.25
N ALA B 518 -46.76 -22.99 3.03
CA ALA B 518 -46.69 -24.42 2.80
C ALA B 518 -47.26 -24.78 1.41
N ALA B 519 -48.39 -24.12 1.03
CA ALA B 519 -49.03 -24.32 -0.28
C ALA B 519 -48.13 -23.80 -1.41
N ILE B 520 -47.39 -22.71 -1.17
CA ILE B 520 -46.45 -22.19 -2.18
C ILE B 520 -45.35 -23.25 -2.39
N CYS B 521 -44.87 -23.88 -1.29
CA CYS B 521 -43.89 -24.96 -1.34
C CYS B 521 -44.45 -26.12 -2.17
N GLY B 522 -45.68 -26.53 -1.84
CA GLY B 522 -46.38 -27.60 -2.54
C GLY B 522 -46.49 -27.34 -4.02
N ARG B 523 -46.97 -26.15 -4.39
CA ARG B 523 -47.17 -25.73 -5.78
C ARG B 523 -45.88 -25.61 -6.61
N TYR B 524 -44.88 -24.88 -6.10
CA TYR B 524 -43.65 -24.59 -6.85
C TYR B 524 -42.59 -25.68 -6.74
N LEU B 525 -42.25 -26.17 -5.53
CA LEU B 525 -41.19 -27.17 -5.41
C LEU B 525 -41.51 -28.52 -5.98
N PHE B 526 -42.81 -28.88 -6.03
CA PHE B 526 -43.20 -30.22 -6.45
C PHE B 526 -44.07 -30.24 -7.69
N ASN B 527 -44.01 -29.17 -8.50
CA ASN B 527 -44.73 -29.12 -9.79
C ASN B 527 -44.25 -30.20 -10.74
N TRP B 528 -42.99 -30.65 -10.57
CA TRP B 528 -42.40 -31.71 -11.40
C TRP B 528 -43.09 -33.07 -11.18
N ALA B 529 -43.66 -33.31 -9.98
CA ALA B 529 -44.24 -34.59 -9.56
C ALA B 529 -45.64 -34.90 -10.10
N VAL B 530 -46.35 -33.87 -10.58
CA VAL B 530 -47.72 -34.08 -11.07
C VAL B 530 -47.84 -34.16 -12.58
N ARG B 531 -48.79 -35.01 -13.04
CA ARG B 531 -49.14 -35.21 -14.44
C ARG B 531 -49.83 -33.90 -14.88
N THR B 532 -50.83 -33.49 -14.08
CA THR B 532 -51.63 -32.27 -14.21
C THR B 532 -50.81 -31.04 -13.73
N LYS B 533 -49.79 -30.66 -14.52
CA LYS B 533 -48.85 -29.57 -14.24
C LYS B 533 -49.48 -28.18 -14.21
N LEU B 534 -49.23 -27.44 -13.13
CA LEU B 534 -49.74 -26.09 -12.96
C LEU B 534 -48.81 -25.05 -13.61
N LYS B 535 -49.38 -23.91 -14.06
CA LYS B 535 -48.66 -22.79 -14.66
C LYS B 535 -48.07 -21.97 -13.50
N LEU B 536 -46.73 -21.87 -13.45
CA LEU B 536 -46.06 -21.14 -12.38
C LEU B 536 -45.70 -19.71 -12.75
N THR B 537 -46.14 -18.76 -11.92
CA THR B 537 -45.92 -17.33 -12.12
C THR B 537 -44.91 -16.80 -11.07
N PRO B 538 -44.26 -15.62 -11.26
CA PRO B 538 -43.33 -15.13 -10.24
C PRO B 538 -43.95 -15.05 -8.83
N ILE B 539 -43.20 -15.52 -7.83
CA ILE B 539 -43.60 -15.53 -6.43
C ILE B 539 -43.48 -14.12 -5.87
N PRO B 540 -44.58 -13.57 -5.29
CA PRO B 540 -44.50 -12.20 -4.74
C PRO B 540 -43.34 -11.96 -3.75
N ALA B 541 -43.12 -12.89 -2.78
CA ALA B 541 -42.04 -12.75 -1.80
C ALA B 541 -40.60 -12.69 -2.40
N ALA B 542 -40.41 -13.17 -3.66
CA ALA B 542 -39.09 -13.17 -4.32
C ALA B 542 -38.47 -11.79 -4.48
N SER B 543 -39.25 -10.81 -4.99
CA SER B 543 -38.79 -9.42 -5.17
C SER B 543 -38.49 -8.71 -3.83
N GLN B 544 -39.15 -9.14 -2.74
CA GLN B 544 -39.04 -8.59 -1.38
C GLN B 544 -37.77 -9.05 -0.65
N LEU B 545 -37.20 -10.20 -1.07
CA LEU B 545 -36.04 -10.79 -0.40
C LEU B 545 -34.82 -9.91 -0.35
N ASP B 546 -34.28 -9.77 0.87
CA ASP B 546 -33.05 -9.01 1.11
C ASP B 546 -31.91 -10.01 1.11
N LEU B 547 -31.19 -10.12 -0.02
CA LEU B 547 -30.06 -11.03 -0.20
C LEU B 547 -28.74 -10.25 -0.30
N SER B 548 -28.71 -9.01 0.27
CA SER B 548 -27.59 -8.05 0.24
C SER B 548 -26.14 -8.59 0.32
N GLY B 549 -25.88 -9.45 1.30
CA GLY B 549 -24.57 -10.03 1.55
C GLY B 549 -24.47 -11.51 1.25
N TRP B 550 -25.43 -12.07 0.48
CA TRP B 550 -25.40 -13.50 0.14
C TRP B 550 -24.24 -13.91 -0.77
N PHE B 551 -24.04 -13.13 -1.82
CA PHE B 551 -23.05 -13.40 -2.86
C PHE B 551 -22.16 -12.19 -3.04
N VAL B 552 -21.44 -11.87 -1.97
CA VAL B 552 -20.50 -10.74 -1.99
C VAL B 552 -19.09 -11.28 -1.84
N ALA B 553 -18.86 -12.14 -0.83
CA ALA B 553 -17.53 -12.67 -0.60
C ALA B 553 -17.58 -14.06 0.03
N GLY B 554 -16.45 -14.74 -0.02
CA GLY B 554 -16.33 -16.06 0.60
C GLY B 554 -15.84 -15.89 2.03
N TYR B 555 -16.35 -16.71 2.94
CA TYR B 555 -15.95 -16.60 4.35
C TYR B 555 -15.66 -17.97 4.92
N SER B 556 -15.37 -19.00 4.07
CA SER B 556 -15.15 -20.34 4.66
C SER B 556 -13.99 -20.31 5.67
N GLY B 557 -14.29 -20.80 6.89
CA GLY B 557 -13.33 -20.81 8.00
C GLY B 557 -13.25 -19.52 8.79
N GLY B 558 -13.95 -18.48 8.30
CA GLY B 558 -13.90 -17.12 8.85
C GLY B 558 -14.86 -16.79 9.97
N ASP B 559 -15.66 -17.81 10.43
CA ASP B 559 -16.52 -17.61 11.59
C ASP B 559 -17.53 -16.47 11.38
N ILE B 560 -18.22 -16.49 10.23
CA ILE B 560 -19.18 -15.44 9.90
C ILE B 560 -20.62 -15.92 9.92
N TYR B 561 -21.49 -15.08 10.47
CA TYR B 561 -22.92 -15.36 10.56
C TYR B 561 -23.63 -14.17 9.95
N HIS B 562 -24.50 -14.47 8.96
CA HIS B 562 -25.21 -13.40 8.29
C HIS B 562 -26.65 -13.24 8.66
N SER B 563 -27.36 -14.33 8.94
CA SER B 563 -28.77 -14.20 9.35
C SER B 563 -28.96 -13.44 10.68
P PO4 C . 43.24 40.61 -22.87
O1 PO4 C . 41.84 40.87 -22.15
O2 PO4 C . 43.40 39.17 -23.49
O3 PO4 C . 44.40 40.83 -21.92
O4 PO4 C . 43.40 41.69 -24.09
C1 HI3 D . 13.47 26.79 -2.06
F1 HI3 D . 15.18 28.34 -2.65
N1 HI3 D . 16.87 24.18 -4.71
O1 HI3 D . 20.61 22.89 -3.21
S1 HI3 D . 16.89 22.36 -0.58
C2 HI3 D . 12.96 25.49 -2.14
F2 HI3 D . 13.18 23.28 -2.97
N2 HI3 D . 22.39 24.33 -2.97
O2 HI3 D . 18.52 24.60 -1.60
C3 HI3 D . 19.10 25.81 -6.98
F3 HI3 D . 16.28 25.64 -9.26
N3 HI3 D . 17.32 22.76 -2.15
O3 HI3 D . 16.32 21.02 -0.64
C4 HI3 D . 15.32 26.15 -3.48
O4 HI3 D . 17.95 22.63 0.33
C5 HI3 D . 16.43 24.84 -7.08
C6 HI3 D . 18.52 25.17 -5.86
C7 HI3 D . 19.00 24.86 -4.57
C8 HI3 D . 18.33 25.99 -8.14
C9 HI3 D . 14.82 24.84 -3.59
C10 HI3 D . 17.19 24.71 -5.93
C11 HI3 D . 14.65 27.11 -2.72
C12 HI3 D . 13.65 24.53 -2.90
C13 HI3 D . 17.02 25.49 -8.17
C14 HI3 D . 17.95 24.28 -3.85
C15 HI3 D . 22.32 26.56 -3.76
C16 HI3 D . 20.96 26.34 -4.24
C17 HI3 D . 22.98 25.56 -3.14
C18 HI3 D . 20.34 25.14 -4.08
C19 HI3 D . 21.11 24.02 -3.39
C20 HI3 D . 17.97 23.93 -2.46
C21 HI3 D . 15.79 24.67 0.46
C22 HI3 D . 15.19 23.54 1.25
C23 HI3 D . 15.45 23.38 -0.21
C24 HI3 D . 18.90 26.70 -9.35
C25 HI3 D . 15.51 23.74 -4.39
C1 HI3 E . -15.12 -25.74 -3.64
F1 HI3 E . -16.88 -27.28 -3.81
N1 HI3 E . -19.34 -22.97 -3.59
O1 HI3 E . -21.95 -22.59 -0.35
S1 HI3 E . -17.36 -22.36 0.39
C2 HI3 E . -14.69 -24.41 -3.57
F2 HI3 E . -15.21 -22.13 -3.53
N2 HI3 E . -23.44 -24.23 0.24
O2 HI3 E . -19.33 -24.45 -0.38
C3 HI3 E . -22.38 -24.18 -5.03
F3 HI3 E . -20.98 -22.97 -8.13
N3 HI3 E . -18.54 -22.33 -0.83
O3 HI3 E . -16.89 -20.99 0.49
C4 HI3 E . -17.42 -24.99 -3.81
O4 HI3 E . -17.88 -23.06 1.56
C5 HI3 E . -20.04 -22.90 -6.01
C6 HI3 E . -21.34 -23.80 -4.14
C7 HI3 E . -21.16 -23.94 -2.75
C8 HI3 E . -22.24 -23.92 -6.39
C9 HI3 E . -17.01 -23.63 -3.73
C10 HI3 E . -20.19 -23.19 -4.65
C11 HI3 E . -16.47 -26.01 -3.77
C12 HI3 E . -15.63 -23.38 -3.61
C13 HI3 E . -21.10 -23.26 -6.85
C14 HI3 E . -19.91 -23.45 -2.43
C15 HI3 E . -23.74 -26.16 -1.10
C16 HI3 E . -22.75 -25.67 -2.03
C17 HI3 E . -24.06 -25.44 0.00
C18 HI3 E . -22.12 -24.48 -1.83
C19 HI3 E . -22.48 -23.69 -0.60
C20 HI3 E . -19.29 -23.48 -1.14
C21 HI3 E . -16.03 -24.75 -0.04
C22 HI3 E . -15.12 -23.92 0.81
C23 HI3 E . -15.96 -23.27 -0.26
C24 HI3 E . -23.33 -24.30 -7.34
C25 HI3 E . -17.98 -22.46 -3.75
#